data_2ZOL
#
_entry.id   2ZOL
#
_cell.length_a   83.561
_cell.length_b   71.033
_cell.length_c   86.999
_cell.angle_alpha   90.00
_cell.angle_beta   103.45
_cell.angle_gamma   90.00
#
_symmetry.space_group_name_H-M   'P 1 2 1'
#
loop_
_entity.id
_entity.type
_entity.pdbx_description
1 polymer 'H-2 class I histocompatibility antigen, D-B alpha chain'
2 polymer Beta-2-microglobulin
3 polymer '9-meric peptide from Spike glycoprotein'
4 non-polymer 'SULFATE ION'
5 water water
#
loop_
_entity_poly.entity_id
_entity_poly.type
_entity_poly.pdbx_seq_one_letter_code
_entity_poly.pdbx_strand_id
1 'polypeptide(L)'
;GPHSMRYFETAVSRPGLEEPRYISVGYVDNKEFVRFDSDAENPRYEPRAPWMEQEGPEYWERETQKAKGQEQWFRVSLRN
LLGYYNQSAGGSHTLQQMSGCDLGSDWRLLRGYLQFAYEGRDYIALNEDLKTWTAADMAAQITRRKWEQSGAAEHYKAYL
EGECVEWLHRYLKNGNATLLRTDSPKAHVTHHPRSKGEVTLRCWALGFYPADITLTWQLNGEELTQDMELVETRPAGDGT
FQKWASVVVPLGKEQNYTCRVYHEGLPEPLTLRWERWE
;
A,C
2 'polypeptide(L)'
;MIQKTPQIQVYSRHPPENGKPNILNCYVTQFHPPHIEIQMLKNGKKIPKVEMSDMSFSKDWSFYILAHTEFTPTETDTYA
CRVKHDSMAEPKTVYWDRDM
;
D,B
3 'polypeptide(L)' (ABA)SLSNGPHL F,E
#
loop_
_chem_comp.id
_chem_comp.type
_chem_comp.name
_chem_comp.formula
SO4 non-polymer 'SULFATE ION' 'O4 S -2'
#
# COMPACT_ATOMS: atom_id res chain seq x y z
N PRO A 2 -4.87 2.13 3.50
CA PRO A 2 -4.69 3.15 2.46
C PRO A 2 -5.97 3.95 2.24
N HIS A 3 -5.86 5.28 2.30
CA HIS A 3 -7.03 6.16 2.22
C HIS A 3 -6.78 7.38 1.36
N SER A 4 -7.86 8.07 0.97
CA SER A 4 -7.77 9.25 0.12
C SER A 4 -8.97 10.17 0.26
N MET A 5 -8.73 11.47 0.10
CA MET A 5 -9.78 12.45 -0.09
C MET A 5 -9.51 13.19 -1.40
N ARG A 6 -10.58 13.43 -2.16
CA ARG A 6 -10.46 14.12 -3.44
C ARG A 6 -11.58 15.11 -3.63
N TYR A 7 -11.25 16.26 -4.22
CA TYR A 7 -12.28 17.16 -4.75
C TYR A 7 -12.12 17.34 -6.25
N PHE A 8 -13.19 17.06 -6.98
CA PHE A 8 -13.23 17.14 -8.44
C PHE A 8 -14.09 18.33 -8.82
N GLU A 9 -13.49 19.30 -9.50
CA GLU A 9 -14.19 20.54 -9.83
C GLU A 9 -14.26 20.77 -11.33
N THR A 10 -15.41 21.24 -11.79
CA THR A 10 -15.65 21.52 -13.20
C THR A 10 -16.36 22.86 -13.32
N ALA A 11 -15.88 23.69 -14.24
CA ALA A 11 -16.59 24.89 -14.66
C ALA A 11 -16.74 24.89 -16.17
N VAL A 12 -17.97 24.98 -16.64
CA VAL A 12 -18.26 24.96 -18.07
C VAL A 12 -18.95 26.24 -18.51
N SER A 13 -18.44 26.84 -19.59
CA SER A 13 -18.96 28.11 -20.11
C SER A 13 -20.18 27.92 -20.99
N ARG A 14 -21.13 28.85 -20.84
CA ARG A 14 -22.33 28.91 -21.66
C ARG A 14 -22.18 29.98 -22.76
N PRO A 15 -22.77 29.72 -23.94
CA PRO A 15 -22.81 30.67 -25.06
C PRO A 15 -23.78 31.83 -24.83
N GLY A 16 -23.17 33.01 -24.81
CA GLY A 16 -23.75 34.29 -24.50
C GLY A 16 -23.28 34.85 -23.16
N GLU A 19 -23.23 33.04 -18.06
CA GLU A 19 -22.59 32.68 -16.79
C GLU A 19 -22.23 31.19 -16.73
N PRO A 20 -21.01 30.86 -16.29
CA PRO A 20 -20.56 29.47 -16.28
C PRO A 20 -21.15 28.67 -15.12
N ARG A 21 -21.46 27.41 -15.39
CA ARG A 21 -21.91 26.49 -14.35
C ARG A 21 -20.71 25.87 -13.64
N TYR A 22 -20.76 25.85 -12.32
CA TYR A 22 -19.69 25.28 -11.52
C TYR A 22 -20.19 24.10 -10.67
N ILE A 23 -19.49 22.97 -10.77
CA ILE A 23 -19.82 21.78 -9.99
C ILE A 23 -18.59 21.28 -9.25
N SER A 24 -18.74 21.05 -7.96
CA SER A 24 -17.67 20.47 -7.15
C SER A 24 -18.13 19.18 -6.50
N VAL A 25 -17.34 18.13 -6.63
CA VAL A 25 -17.66 16.83 -6.04
C VAL A 25 -16.54 16.32 -5.15
N GLY A 26 -16.89 16.03 -3.90
CA GLY A 26 -15.92 15.50 -2.94
C GLY A 26 -16.01 13.99 -2.81
N TYR A 27 -14.86 13.35 -2.68
CA TYR A 27 -14.77 11.92 -2.50
C TYR A 27 -13.94 11.56 -1.26
N VAL A 28 -14.37 10.53 -0.53
CA VAL A 28 -13.58 9.93 0.54
C VAL A 28 -13.49 8.42 0.30
N ASP A 29 -12.28 7.96 -0.01
CA ASP A 29 -12.02 6.58 -0.45
C ASP A 29 -12.88 6.17 -1.65
N ASN A 30 -12.89 7.05 -2.66
CA ASN A 30 -13.61 6.84 -3.93
C ASN A 30 -15.15 6.86 -3.86
N LYS A 31 -15.70 7.15 -2.69
CA LYS A 31 -17.15 7.32 -2.53
C LYS A 31 -17.54 8.80 -2.41
N GLU A 32 -18.46 9.23 -3.26
CA GLU A 32 -18.99 10.59 -3.23
C GLU A 32 -19.63 10.90 -1.87
N PHE A 33 -19.24 12.02 -1.27
CA PHE A 33 -19.73 12.39 0.06
C PHE A 33 -20.29 13.83 0.16
N VAL A 34 -19.77 14.73 -0.67
CA VAL A 34 -20.32 16.09 -0.79
C VAL A 34 -20.44 16.51 -2.25
N ARG A 35 -21.40 17.39 -2.53
CA ARG A 35 -21.59 17.92 -3.88
C ARG A 35 -22.15 19.34 -3.87
N PHE A 36 -21.56 20.19 -4.69
CA PHE A 36 -22.04 21.55 -4.92
C PHE A 36 -22.40 21.71 -6.40
N ASP A 37 -23.55 22.33 -6.65
CA ASP A 37 -24.01 22.59 -8.00
C ASP A 37 -24.56 24.01 -8.09
N SER A 38 -23.98 24.83 -8.95
CA SER A 38 -24.39 26.24 -9.10
C SER A 38 -25.75 26.40 -9.80
N ASP A 39 -26.14 25.39 -10.58
CA ASP A 39 -27.42 25.41 -11.29
C ASP A 39 -28.63 25.24 -10.39
N ALA A 40 -28.41 24.71 -9.19
CA ALA A 40 -29.48 24.47 -8.21
C ALA A 40 -30.22 25.76 -7.82
N GLU A 41 -31.45 25.59 -7.33
CA GLU A 41 -32.29 26.70 -6.90
C GLU A 41 -31.58 27.51 -5.80
N ASN A 42 -31.09 26.79 -4.78
CA ASN A 42 -30.29 27.40 -3.72
C ASN A 42 -28.95 26.68 -3.57
N PRO A 43 -27.91 27.15 -4.30
CA PRO A 43 -26.58 26.55 -4.35
C PRO A 43 -25.97 26.33 -2.97
N ARG A 44 -25.63 25.08 -2.68
CA ARG A 44 -25.12 24.66 -1.36
C ARG A 44 -24.35 23.35 -1.50
N TYR A 45 -23.37 23.13 -0.62
CA TYR A 45 -22.79 21.80 -0.47
C TYR A 45 -23.83 20.91 0.22
N GLU A 46 -24.11 19.76 -0.38
CA GLU A 46 -25.10 18.83 0.15
C GLU A 46 -24.42 17.51 0.53
N PRO A 47 -24.88 16.86 1.62
CA PRO A 47 -24.37 15.54 1.99
C PRO A 47 -24.79 14.46 0.98
N ARG A 48 -23.82 13.66 0.55
CA ARG A 48 -24.05 12.61 -0.44
C ARG A 48 -23.84 11.24 0.18
N ALA A 49 -23.46 11.23 1.45
CA ALA A 49 -23.35 10.03 2.25
C ALA A 49 -24.15 10.22 3.53
N PRO A 50 -24.81 9.16 4.04
CA PRO A 50 -25.59 9.24 5.28
C PRO A 50 -24.78 9.67 6.51
N TRP A 51 -23.54 9.22 6.61
CA TRP A 51 -22.65 9.56 7.73
C TRP A 51 -22.21 11.02 7.69
N MET A 52 -22.47 11.68 6.57
CA MET A 52 -22.10 13.07 6.37
C MET A 52 -23.12 14.02 7.02
N GLU A 53 -24.29 13.51 7.38
CA GLU A 53 -25.32 14.31 8.05
C GLU A 53 -24.98 14.61 9.53
N GLN A 54 -23.86 14.06 10.00
CA GLN A 54 -23.30 14.40 11.31
C GLN A 54 -23.06 15.90 11.46
N GLU A 55 -22.42 16.49 10.44
CA GLU A 55 -21.95 17.88 10.47
C GLU A 55 -23.09 18.88 10.65
N GLY A 56 -22.80 19.98 11.35
CA GLY A 56 -23.79 21.02 11.65
C GLY A 56 -23.97 22.05 10.55
N PRO A 57 -24.91 23.00 10.75
CA PRO A 57 -25.27 24.01 9.76
C PRO A 57 -24.13 24.98 9.42
N GLU A 58 -23.21 25.14 10.37
CA GLU A 58 -22.05 26.01 10.19
C GLU A 58 -21.02 25.39 9.25
N TYR A 59 -20.92 24.06 9.26
CA TYR A 59 -20.01 23.35 8.36
C TYR A 59 -20.42 23.56 6.91
N TRP A 60 -21.70 23.34 6.62
CA TRP A 60 -22.23 23.44 5.26
C TRP A 60 -22.13 24.85 4.71
N GLU A 61 -22.42 25.83 5.57
CA GLU A 61 -22.33 27.24 5.22
C GLU A 61 -20.90 27.65 4.86
N ARG A 62 -19.94 27.20 5.68
CA ARG A 62 -18.53 27.49 5.47
C ARG A 62 -18.03 26.89 4.16
N GLU A 63 -18.42 25.64 3.92
CA GLU A 63 -18.07 24.94 2.67
C GLU A 63 -18.77 25.56 1.45
N THR A 64 -20.03 25.97 1.63
CA THR A 64 -20.78 26.63 0.56
C THR A 64 -20.07 27.92 0.11
N GLN A 65 -19.65 28.73 1.07
CA GLN A 65 -19.00 30.01 0.78
C GLN A 65 -17.65 29.82 0.08
N LYS A 66 -16.94 28.75 0.44
CA LYS A 66 -15.68 28.42 -0.21
C LYS A 66 -15.92 27.99 -1.65
N ALA A 67 -17.04 27.31 -1.89
CA ALA A 67 -17.45 26.92 -3.25
C ALA A 67 -17.82 28.12 -4.10
N LYS A 68 -18.38 29.15 -3.46
CA LYS A 68 -18.74 30.38 -4.14
C LYS A 68 -17.49 31.16 -4.53
N GLY A 69 -16.42 30.97 -3.78
CA GLY A 69 -15.12 31.56 -4.09
C GLY A 69 -14.43 30.84 -5.23
N GLN A 70 -14.54 29.51 -5.25
CA GLN A 70 -13.98 28.70 -6.31
C GLN A 70 -14.67 29.01 -7.65
N GLU A 71 -15.99 29.12 -7.62
CA GLU A 71 -16.79 29.49 -8.80
C GLU A 71 -16.29 30.79 -9.41
N GLN A 72 -16.01 31.79 -8.57
CA GLN A 72 -15.51 33.07 -9.03
C GLN A 72 -14.06 32.99 -9.49
N TRP A 73 -13.26 32.16 -8.82
CA TRP A 73 -11.90 31.89 -9.24
C TRP A 73 -11.90 31.28 -10.65
N PHE A 74 -12.81 30.33 -10.86
CA PHE A 74 -12.93 29.62 -12.13
C PHE A 74 -13.40 30.52 -13.28
N ARG A 75 -14.16 31.57 -12.97
CA ARG A 75 -14.58 32.56 -13.97
C ARG A 75 -13.41 33.37 -14.46
N VAL A 76 -12.65 33.94 -13.52
CA VAL A 76 -11.51 34.80 -13.85
C VAL A 76 -10.44 34.04 -14.61
N SER A 77 -10.22 32.78 -14.21
CA SER A 77 -9.27 31.91 -14.89
C SER A 77 -9.70 31.60 -16.33
N LEU A 78 -10.99 31.32 -16.52
CA LEU A 78 -11.58 31.13 -17.84
C LEU A 78 -11.32 32.31 -18.79
N ARG A 79 -11.40 33.52 -18.24
CA ARG A 79 -11.16 34.74 -18.99
C ARG A 79 -9.68 34.88 -19.36
N ASN A 80 -8.81 34.49 -18.43
CA ASN A 80 -7.37 34.51 -18.65
C ASN A 80 -6.92 33.49 -19.70
N LEU A 81 -7.56 32.32 -19.69
CA LEU A 81 -7.30 31.25 -20.66
C LEU A 81 -7.62 31.69 -22.09
N LEU A 82 -8.77 32.36 -22.26
CA LEU A 82 -9.17 32.91 -23.55
C LEU A 82 -8.10 33.84 -24.13
N GLY A 83 -7.50 34.65 -23.26
CA GLY A 83 -6.41 35.54 -23.65
C GLY A 83 -5.15 34.81 -24.09
N TYR A 84 -4.82 33.72 -23.39
CA TYR A 84 -3.61 32.94 -23.66
C TYR A 84 -3.70 32.18 -24.99
N TYR A 85 -4.77 31.40 -25.15
CA TYR A 85 -4.95 30.56 -26.33
C TYR A 85 -5.51 31.31 -27.53
N ASN A 86 -5.63 32.64 -27.39
CA ASN A 86 -6.20 33.51 -28.41
C ASN A 86 -7.57 33.04 -28.93
N GLN A 87 -8.46 32.79 -27.99
CA GLN A 87 -9.87 32.59 -28.27
C GLN A 87 -10.62 33.87 -27.87
N SER A 88 -11.90 33.95 -28.20
CA SER A 88 -12.70 35.11 -27.85
C SER A 88 -13.81 34.75 -26.85
N ALA A 89 -14.49 35.77 -26.33
CA ALA A 89 -15.68 35.56 -25.53
C ALA A 89 -16.93 35.70 -26.40
N GLY A 90 -17.92 34.83 -26.23
CA GLY A 90 -17.84 33.72 -25.30
C GLY A 90 -18.42 32.47 -25.92
N GLY A 91 -17.62 31.41 -26.01
CA GLY A 91 -18.08 30.14 -26.53
C GLY A 91 -18.36 29.13 -25.43
N SER A 92 -18.01 27.88 -25.69
CA SER A 92 -18.19 26.80 -24.73
C SER A 92 -16.86 26.15 -24.38
N HIS A 93 -16.44 26.30 -23.13
CA HIS A 93 -15.15 25.82 -22.68
C HIS A 93 -15.26 25.08 -21.36
N THR A 94 -14.24 24.27 -21.06
CA THR A 94 -14.24 23.44 -19.86
C THR A 94 -12.93 23.61 -19.09
N LEU A 95 -13.06 23.94 -17.81
CA LEU A 95 -11.93 23.97 -16.90
C LEU A 95 -12.21 23.02 -15.74
N GLN A 96 -11.24 22.16 -15.46
CA GLN A 96 -11.38 21.14 -14.43
C GLN A 96 -10.21 21.16 -13.47
N GLN A 97 -10.44 20.72 -12.23
CA GLN A 97 -9.35 20.56 -11.28
C GLN A 97 -9.53 19.36 -10.35
N MET A 98 -8.41 18.68 -10.07
CA MET A 98 -8.35 17.58 -9.13
C MET A 98 -7.39 17.96 -8.02
N SER A 99 -7.84 17.79 -6.78
CA SER A 99 -7.00 18.02 -5.61
C SER A 99 -7.35 17.03 -4.51
N GLY A 100 -6.36 16.73 -3.67
CA GLY A 100 -6.55 15.80 -2.57
C GLY A 100 -5.27 15.21 -2.04
N CYS A 101 -5.42 14.33 -1.05
CA CYS A 101 -4.29 13.73 -0.37
C CYS A 101 -4.49 12.23 -0.20
N ASP A 102 -3.41 11.48 -0.43
CA ASP A 102 -3.38 10.05 -0.14
C ASP A 102 -2.79 9.83 1.25
N LEU A 103 -3.43 8.95 2.02
CA LEU A 103 -2.90 8.56 3.32
C LEU A 103 -2.49 7.09 3.36
N GLY A 104 -1.37 6.82 4.04
CA GLY A 104 -0.94 5.45 4.31
C GLY A 104 -1.74 4.90 5.48
N SER A 105 -1.54 3.61 5.78
CA SER A 105 -2.25 2.94 6.88
C SER A 105 -1.88 3.53 8.24
N ASP A 106 -0.73 4.18 8.30
CA ASP A 106 -0.26 4.91 9.48
C ASP A 106 -0.90 6.30 9.63
N TRP A 107 -1.73 6.66 8.65
CA TRP A 107 -2.51 7.91 8.66
C TRP A 107 -1.67 9.17 8.42
N ARG A 108 -0.47 8.98 7.87
CA ARG A 108 0.42 10.07 7.52
C ARG A 108 0.34 10.32 6.01
N LEU A 109 0.74 11.52 5.58
CA LEU A 109 0.69 11.91 4.17
C LEU A 109 1.58 11.05 3.27
N LEU A 110 0.97 10.44 2.26
CA LEU A 110 1.71 9.72 1.22
C LEU A 110 1.97 10.62 0.02
N ARG A 111 0.91 11.23 -0.51
CA ARG A 111 1.00 12.13 -1.65
C ARG A 111 -0.12 13.17 -1.70
N GLY A 112 0.22 14.38 -2.12
CA GLY A 112 -0.75 15.44 -2.35
C GLY A 112 -0.90 15.71 -3.84
N TYR A 113 -2.12 16.04 -4.27
CA TYR A 113 -2.40 16.26 -5.68
C TYR A 113 -2.99 17.64 -5.96
N LEU A 114 -2.57 18.22 -7.07
CA LEU A 114 -3.18 19.43 -7.62
C LEU A 114 -2.90 19.52 -9.11
N GLN A 115 -3.95 19.39 -9.91
CA GLN A 115 -3.82 19.43 -11.36
C GLN A 115 -5.03 20.07 -12.04
N PHE A 116 -4.77 20.80 -13.12
CA PHE A 116 -5.80 21.51 -13.87
C PHE A 116 -5.83 21.01 -15.30
N ALA A 117 -7.01 21.08 -15.91
CA ALA A 117 -7.18 20.72 -17.30
C ALA A 117 -8.03 21.76 -18.02
N TYR A 118 -7.63 22.12 -19.23
CA TYR A 118 -8.44 23.00 -20.07
C TYR A 118 -8.83 22.25 -21.34
N GLU A 119 -10.13 22.31 -21.65
CA GLU A 119 -10.72 21.63 -22.82
C GLU A 119 -10.55 20.11 -22.77
N GLY A 120 -10.42 19.57 -21.56
CA GLY A 120 -10.35 18.12 -21.37
C GLY A 120 -8.94 17.53 -21.36
N ARG A 121 -7.94 18.36 -21.60
CA ARG A 121 -6.54 17.91 -21.61
C ARG A 121 -5.65 18.65 -20.61
N ASP A 122 -4.58 17.99 -20.15
CA ASP A 122 -3.68 18.54 -19.14
C ASP A 122 -3.34 20.01 -19.38
N TYR A 123 -3.33 20.80 -18.31
CA TYR A 123 -2.89 22.19 -18.38
C TYR A 123 -1.67 22.41 -17.49
N ILE A 124 -1.87 22.33 -16.18
CA ILE A 124 -0.77 22.49 -15.22
C ILE A 124 -0.98 21.55 -14.02
N ALA A 125 0.12 20.99 -13.54
CA ALA A 125 0.07 20.10 -12.40
C ALA A 125 1.12 20.50 -11.37
N LEU A 126 0.79 20.29 -10.09
CA LEU A 126 1.77 20.41 -9.02
C LEU A 126 2.49 19.07 -8.89
N ASN A 127 3.81 19.12 -8.85
CA ASN A 127 4.64 17.91 -8.74
C ASN A 127 4.55 17.29 -7.35
N GLU A 128 4.95 16.02 -7.26
CA GLU A 128 4.93 15.26 -6.00
C GLU A 128 5.66 15.97 -4.85
N ASP A 129 6.65 16.80 -5.20
CA ASP A 129 7.41 17.57 -4.23
C ASP A 129 6.62 18.72 -3.57
N LEU A 130 5.49 19.08 -4.19
CA LEU A 130 4.62 20.17 -3.75
C LEU A 130 5.28 21.55 -3.80
N LYS A 131 6.31 21.70 -4.64
CA LYS A 131 7.05 22.96 -4.75
C LYS A 131 7.12 23.48 -6.19
N THR A 132 7.34 22.57 -7.14
CA THR A 132 7.53 22.94 -8.54
C THR A 132 6.30 22.59 -9.40
N TRP A 133 6.20 23.24 -10.55
CA TRP A 133 5.09 23.01 -11.46
C TRP A 133 5.54 22.44 -12.79
N THR A 134 4.74 21.54 -13.34
CA THR A 134 4.95 21.05 -14.70
C THR A 134 3.79 21.55 -15.58
N ALA A 135 4.14 22.30 -16.63
CA ALA A 135 3.15 22.84 -17.56
C ALA A 135 3.05 21.97 -18.82
N ALA A 136 1.82 21.69 -19.24
CA ALA A 136 1.58 20.78 -20.35
C ALA A 136 1.85 21.38 -21.72
N ASP A 137 1.65 22.67 -21.86
CA ASP A 137 1.84 23.36 -23.15
C ASP A 137 2.34 24.80 -22.98
N MET A 138 2.42 25.54 -24.08
CA MET A 138 3.00 26.88 -24.09
C MET A 138 2.23 27.89 -23.26
N ALA A 139 0.90 27.81 -23.29
CA ALA A 139 0.07 28.76 -22.56
C ALA A 139 0.19 28.59 -21.05
N ALA A 140 0.23 27.33 -20.61
CA ALA A 140 0.36 26.99 -19.19
C ALA A 140 1.71 27.42 -18.62
N GLN A 141 2.68 27.67 -19.50
CA GLN A 141 3.98 28.17 -19.10
C GLN A 141 3.86 29.58 -18.51
N ILE A 142 2.97 30.39 -19.10
CA ILE A 142 2.64 31.71 -18.56
C ILE A 142 2.13 31.59 -17.12
N THR A 143 1.18 30.67 -16.89
CA THR A 143 0.68 30.35 -15.56
C THR A 143 1.82 29.92 -14.63
N ARG A 144 2.65 29.00 -15.12
CA ARG A 144 3.77 28.44 -14.36
C ARG A 144 4.69 29.54 -13.79
N ARG A 145 5.18 30.42 -14.66
CA ARG A 145 6.10 31.48 -14.26
C ARG A 145 5.42 32.50 -13.35
N LYS A 146 4.12 32.69 -13.55
CA LYS A 146 3.31 33.59 -12.74
C LYS A 146 3.15 33.05 -11.32
N TRP A 147 3.10 31.73 -11.21
CA TRP A 147 2.87 31.05 -9.93
C TRP A 147 4.16 30.78 -9.15
N GLU A 148 5.29 30.83 -9.86
CA GLU A 148 6.61 30.71 -9.25
C GLU A 148 7.00 32.01 -8.56
N GLN A 149 6.73 33.12 -9.24
CA GLN A 149 6.97 34.45 -8.70
C GLN A 149 6.11 34.74 -7.47
N SER A 150 4.83 34.37 -7.53
CA SER A 150 3.90 34.66 -6.45
C SER A 150 3.82 33.54 -5.40
N GLY A 151 4.55 32.46 -5.63
CA GLY A 151 4.67 31.35 -4.68
C GLY A 151 3.33 30.73 -4.30
N ALA A 152 2.56 30.33 -5.31
CA ALA A 152 1.28 29.68 -5.11
C ALA A 152 1.42 28.27 -4.55
N ALA A 153 2.54 27.64 -4.88
CA ALA A 153 2.85 26.26 -4.44
C ALA A 153 2.79 26.06 -2.93
N GLU A 154 3.21 27.08 -2.17
CA GLU A 154 3.27 27.01 -0.72
C GLU A 154 1.89 26.94 -0.07
N HIS A 155 0.93 27.68 -0.64
CA HIS A 155 -0.46 27.70 -0.18
C HIS A 155 -1.13 26.33 -0.31
N TYR A 156 -0.96 25.69 -1.47
CA TYR A 156 -1.53 24.37 -1.72
C TYR A 156 -0.80 23.30 -0.89
N LYS A 157 0.50 23.49 -0.69
CA LYS A 157 1.30 22.61 0.16
C LYS A 157 0.75 22.60 1.58
N ALA A 158 0.37 23.77 2.08
CA ALA A 158 -0.21 23.90 3.41
C ALA A 158 -1.55 23.17 3.51
N TYR A 159 -2.40 23.34 2.51
CA TYR A 159 -3.68 22.63 2.48
C TYR A 159 -3.46 21.12 2.46
N LEU A 160 -2.61 20.67 1.54
CA LEU A 160 -2.40 19.24 1.30
C LEU A 160 -1.77 18.52 2.48
N GLU A 161 -0.94 19.22 3.24
CA GLU A 161 -0.32 18.66 4.45
C GLU A 161 -1.11 18.95 5.73
N GLY A 162 -2.02 19.93 5.66
CA GLY A 162 -2.80 20.37 6.82
C GLY A 162 -4.25 19.95 6.79
N GLU A 163 -5.12 20.86 6.33
CA GLU A 163 -6.58 20.63 6.30
C GLU A 163 -7.00 19.33 5.62
N CYS A 164 -6.38 19.01 4.49
CA CYS A 164 -6.72 17.80 3.73
C CYS A 164 -6.59 16.56 4.59
N VAL A 165 -5.41 16.41 5.21
CA VAL A 165 -5.08 15.28 6.07
C VAL A 165 -5.95 15.25 7.34
N GLU A 166 -6.04 16.38 8.02
CA GLU A 166 -6.73 16.47 9.32
C GLU A 166 -8.25 16.31 9.24
N TRP A 167 -8.84 16.70 8.11
CA TRP A 167 -10.28 16.56 7.90
C TRP A 167 -10.64 15.18 7.36
N LEU A 168 -9.74 14.61 6.55
CA LEU A 168 -9.89 13.22 6.09
C LEU A 168 -9.92 12.27 7.28
N HIS A 169 -9.11 12.57 8.30
CA HIS A 169 -9.13 11.83 9.56
C HIS A 169 -10.51 11.90 10.22
N ARG A 170 -11.07 13.11 10.27
CA ARG A 170 -12.39 13.33 10.84
C ARG A 170 -13.48 12.56 10.07
N TYR A 171 -13.39 12.57 8.74
CA TYR A 171 -14.38 11.90 7.89
C TYR A 171 -14.32 10.38 8.02
N LEU A 172 -13.10 9.85 8.13
CA LEU A 172 -12.87 8.42 8.31
C LEU A 172 -13.35 7.91 9.67
N LYS A 173 -13.37 8.79 10.66
CA LYS A 173 -13.91 8.48 11.97
C LYS A 173 -15.44 8.41 11.90
N ASN A 174 -16.03 9.42 11.26
CA ASN A 174 -17.48 9.57 11.19
C ASN A 174 -18.21 8.49 10.38
N GLY A 175 -17.48 7.80 9.50
CA GLY A 175 -18.08 6.78 8.65
C GLY A 175 -17.35 5.45 8.61
N ASN A 176 -17.05 4.89 9.78
CA ASN A 176 -16.41 3.58 9.87
C ASN A 176 -17.30 2.44 9.37
N ALA A 177 -18.60 2.52 9.71
CA ALA A 177 -19.56 1.46 9.38
C ALA A 177 -19.86 1.32 7.88
N THR A 178 -19.39 2.28 7.08
CA THR A 178 -19.63 2.26 5.64
C THR A 178 -18.37 2.39 4.78
N LEU A 179 -17.42 3.22 5.23
CA LEU A 179 -16.17 3.39 4.49
C LEU A 179 -15.22 2.22 4.70
N LEU A 180 -15.19 1.68 5.92
CA LEU A 180 -14.40 0.49 6.25
C LEU A 180 -15.13 -0.81 5.90
N ARG A 181 -16.47 -0.77 5.87
CA ARG A 181 -17.31 -1.95 5.57
C ARG A 181 -17.00 -2.56 4.20
N THR A 182 -17.14 -3.88 4.09
CA THR A 182 -16.92 -4.57 2.82
C THR A 182 -18.10 -5.43 2.39
N ASP A 183 -18.26 -5.56 1.07
CA ASP A 183 -19.23 -6.48 0.49
C ASP A 183 -18.49 -7.37 -0.50
N SER A 184 -18.51 -8.67 -0.25
CA SER A 184 -17.79 -9.62 -1.07
C SER A 184 -18.48 -9.88 -2.39
N PRO A 185 -17.70 -10.07 -3.47
CA PRO A 185 -18.29 -10.40 -4.75
C PRO A 185 -18.84 -11.83 -4.78
N LYS A 186 -20.13 -11.97 -5.04
CA LYS A 186 -20.70 -13.28 -5.32
C LYS A 186 -20.44 -13.60 -6.78
N ALA A 187 -19.59 -14.62 -7.01
CA ALA A 187 -19.11 -14.91 -8.34
C ALA A 187 -19.69 -16.20 -8.92
N HIS A 188 -20.03 -16.14 -10.20
CA HIS A 188 -20.50 -17.30 -10.94
C HIS A 188 -19.95 -17.23 -12.37
N VAL A 189 -20.07 -18.34 -13.09
CA VAL A 189 -19.50 -18.45 -14.42
C VAL A 189 -20.54 -18.92 -15.43
N THR A 190 -20.61 -18.23 -16.56
CA THR A 190 -21.58 -18.53 -17.60
C THR A 190 -20.93 -19.08 -18.87
N HIS A 191 -21.74 -19.75 -19.68
CA HIS A 191 -21.27 -20.59 -20.78
C HIS A 191 -22.06 -20.24 -22.04
N HIS A 192 -21.37 -19.78 -23.07
CA HIS A 192 -22.01 -19.34 -24.30
C HIS A 192 -21.30 -19.88 -25.56
N PRO A 193 -21.76 -21.03 -26.06
CA PRO A 193 -21.17 -21.67 -27.24
C PRO A 193 -21.18 -20.75 -28.46
N ARG A 194 -20.16 -20.89 -29.32
CA ARG A 194 -19.86 -19.92 -30.37
C ARG A 194 -19.45 -20.63 -31.67
N SER A 195 -18.94 -19.86 -32.63
CA SER A 195 -18.54 -20.36 -33.94
C SER A 195 -17.12 -20.92 -33.93
N LYS A 196 -17.00 -22.20 -34.33
CA LYS A 196 -15.74 -22.95 -34.51
C LYS A 196 -15.62 -24.20 -33.61
N GLY A 197 -16.51 -24.32 -32.64
CA GLY A 197 -16.41 -25.34 -31.58
C GLY A 197 -15.89 -24.68 -30.33
N GLU A 198 -15.87 -23.35 -30.35
CA GLU A 198 -15.37 -22.53 -29.25
C GLU A 198 -16.52 -22.10 -28.35
N VAL A 199 -16.18 -21.84 -27.08
CA VAL A 199 -17.15 -21.36 -26.10
C VAL A 199 -16.58 -20.15 -25.40
N THR A 200 -17.43 -19.19 -25.09
CA THR A 200 -17.04 -18.03 -24.28
C THR A 200 -17.39 -18.31 -22.83
N LEU A 201 -16.36 -18.58 -22.02
CA LEU A 201 -16.51 -18.71 -20.58
C LEU A 201 -16.40 -17.32 -19.97
N ARG A 202 -17.42 -16.92 -19.23
CA ARG A 202 -17.51 -15.56 -18.70
C ARG A 202 -17.69 -15.53 -17.19
N CYS A 203 -16.68 -15.03 -16.51
CA CYS A 203 -16.66 -14.99 -15.05
C CYS A 203 -17.25 -13.68 -14.54
N TRP A 204 -18.32 -13.78 -13.78
CA TRP A 204 -19.01 -12.61 -13.25
C TRP A 204 -18.64 -12.34 -11.79
N ALA A 205 -18.40 -11.08 -11.47
CA ALA A 205 -18.30 -10.64 -10.09
C ALA A 205 -19.35 -9.56 -9.87
N LEU A 206 -20.28 -9.84 -8.96
CA LEU A 206 -21.42 -8.95 -8.74
C LEU A 206 -21.55 -8.52 -7.28
N GLY A 207 -22.06 -7.32 -7.07
CA GLY A 207 -22.42 -6.82 -5.75
C GLY A 207 -21.28 -6.64 -4.76
N PHE A 208 -20.12 -6.19 -5.24
CA PHE A 208 -18.96 -5.98 -4.39
C PHE A 208 -18.68 -4.52 -4.08
N TYR A 209 -18.20 -4.26 -2.86
CA TYR A 209 -17.72 -2.93 -2.44
C TYR A 209 -16.47 -3.10 -1.58
N PRO A 210 -15.42 -2.29 -1.82
CA PRO A 210 -15.28 -1.22 -2.83
C PRO A 210 -15.10 -1.73 -4.27
N ALA A 211 -14.85 -0.79 -5.18
CA ALA A 211 -14.82 -1.07 -6.62
C ALA A 211 -13.58 -1.82 -7.10
N ASP A 212 -12.47 -1.67 -6.38
CA ASP A 212 -11.21 -2.31 -6.75
C ASP A 212 -11.37 -3.84 -6.74
N ILE A 213 -10.96 -4.47 -7.84
CA ILE A 213 -11.06 -5.91 -8.01
C ILE A 213 -10.14 -6.36 -9.15
N THR A 214 -9.78 -7.65 -9.15
CA THR A 214 -8.98 -8.25 -10.21
C THR A 214 -9.56 -9.60 -10.64
N LEU A 215 -9.80 -9.75 -11.94
CA LEU A 215 -10.31 -11.00 -12.50
C LEU A 215 -9.26 -11.59 -13.45
N THR A 216 -8.96 -12.87 -13.26
CA THR A 216 -7.97 -13.57 -14.08
C THR A 216 -8.43 -14.99 -14.42
N TRP A 217 -7.89 -15.55 -15.50
CA TRP A 217 -8.23 -16.91 -15.91
C TRP A 217 -7.06 -17.90 -15.78
N MET A 228 -8.59 -11.93 -24.16
CA MET A 228 -9.18 -11.88 -22.84
C MET A 228 -9.98 -10.59 -22.67
N GLU A 229 -11.29 -10.66 -22.96
CA GLU A 229 -12.17 -9.50 -22.86
C GLU A 229 -12.45 -9.16 -21.40
N LEU A 230 -12.28 -7.88 -21.06
CA LEU A 230 -12.43 -7.41 -19.69
C LEU A 230 -13.05 -6.02 -19.68
N VAL A 231 -14.36 -5.97 -19.46
CA VAL A 231 -15.10 -4.72 -19.41
C VAL A 231 -14.71 -3.87 -18.20
N GLU A 232 -14.86 -2.56 -18.33
CA GLU A 232 -14.56 -1.64 -17.23
C GLU A 232 -15.61 -1.77 -16.13
N THR A 233 -15.16 -1.69 -14.88
CA THR A 233 -16.01 -1.79 -13.71
C THR A 233 -17.14 -0.78 -13.80
N ARG A 234 -18.34 -1.24 -13.46
CA ARG A 234 -19.56 -0.46 -13.59
C ARG A 234 -20.35 -0.45 -12.29
N PRO A 235 -21.03 0.66 -11.98
CA PRO A 235 -21.86 0.75 -10.78
C PRO A 235 -23.17 -0.04 -10.94
N ALA A 236 -23.56 -0.79 -9.91
CA ALA A 236 -24.84 -1.48 -9.92
C ALA A 236 -25.98 -0.50 -9.69
N GLY A 237 -25.69 0.60 -9.01
CA GLY A 237 -26.67 1.64 -8.72
C GLY A 237 -27.20 1.61 -7.30
N ASP A 238 -26.89 0.53 -6.58
CA ASP A 238 -27.33 0.36 -5.19
C ASP A 238 -26.21 0.64 -4.19
N GLY A 239 -25.05 1.01 -4.70
CA GLY A 239 -23.86 1.20 -3.88
C GLY A 239 -22.75 0.23 -4.20
N THR A 240 -23.11 -0.91 -4.80
CA THR A 240 -22.15 -1.96 -5.15
C THR A 240 -21.73 -1.89 -6.61
N PHE A 241 -20.76 -2.74 -6.98
CA PHE A 241 -20.14 -2.69 -8.30
C PHE A 241 -20.16 -4.04 -9.03
N GLN A 242 -20.00 -3.99 -10.35
CA GLN A 242 -20.02 -5.17 -11.20
C GLN A 242 -18.83 -5.17 -12.14
N LYS A 243 -18.39 -6.37 -12.53
CA LYS A 243 -17.34 -6.55 -13.52
C LYS A 243 -17.37 -7.98 -14.03
N TRP A 244 -16.93 -8.19 -15.28
CA TRP A 244 -16.73 -9.54 -15.78
C TRP A 244 -15.52 -9.67 -16.72
N ALA A 245 -14.97 -10.88 -16.77
CA ALA A 245 -13.88 -11.23 -17.67
C ALA A 245 -14.27 -12.48 -18.44
N SER A 246 -13.83 -12.57 -19.69
CA SER A 246 -14.18 -13.70 -20.54
C SER A 246 -13.02 -14.17 -21.41
N VAL A 247 -12.99 -15.48 -21.65
CA VAL A 247 -12.00 -16.12 -22.51
C VAL A 247 -12.68 -17.05 -23.51
N VAL A 248 -12.02 -17.28 -24.64
CA VAL A 248 -12.52 -18.20 -25.67
C VAL A 248 -11.85 -19.56 -25.49
N VAL A 249 -12.67 -20.59 -25.29
CA VAL A 249 -12.21 -21.92 -24.92
C VAL A 249 -12.83 -22.95 -25.86
N PRO A 250 -12.08 -23.99 -26.26
CA PRO A 250 -12.70 -25.11 -26.98
C PRO A 250 -13.57 -25.96 -26.03
N LEU A 251 -13.96 -27.17 -26.45
CA LEU A 251 -14.83 -28.02 -25.63
C LEU A 251 -14.29 -28.24 -24.21
N GLN A 255 -12.42 -27.22 -20.76
CA GLN A 255 -12.99 -26.54 -19.59
C GLN A 255 -12.14 -26.88 -18.36
N ASN A 256 -10.84 -26.67 -18.51
CA ASN A 256 -9.85 -26.88 -17.45
C ASN A 256 -9.27 -25.51 -17.07
N TYR A 257 -10.01 -24.47 -17.44
CA TYR A 257 -9.67 -23.09 -17.12
C TYR A 257 -10.36 -22.72 -15.82
N THR A 258 -9.66 -21.98 -14.97
CA THR A 258 -10.25 -21.52 -13.71
C THR A 258 -10.22 -20.00 -13.63
N CYS A 259 -11.36 -19.41 -13.27
CA CYS A 259 -11.42 -17.97 -13.00
C CYS A 259 -10.99 -17.71 -11.56
N ARG A 260 -10.18 -16.66 -11.40
CA ARG A 260 -9.72 -16.23 -10.08
C ARG A 260 -10.17 -14.80 -9.79
N VAL A 261 -10.79 -14.63 -8.63
CA VAL A 261 -11.32 -13.34 -8.22
C VAL A 261 -10.59 -12.86 -6.96
N TYR A 262 -9.94 -11.70 -7.06
CA TYR A 262 -9.20 -11.12 -5.93
C TYR A 262 -9.88 -9.85 -5.43
N HIS A 263 -10.31 -9.86 -4.17
CA HIS A 263 -11.00 -8.71 -3.58
C HIS A 263 -10.80 -8.60 -2.07
N GLU A 264 -10.70 -7.35 -1.58
CA GLU A 264 -10.46 -7.05 -0.16
C GLU A 264 -11.41 -7.74 0.82
N GLY A 265 -12.68 -7.81 0.45
CA GLY A 265 -13.71 -8.42 1.30
C GLY A 265 -13.65 -9.94 1.34
N LEU A 266 -12.78 -10.53 0.53
CA LEU A 266 -12.62 -11.98 0.48
C LEU A 266 -11.50 -12.44 1.42
N PRO A 267 -11.86 -13.28 2.42
CA PRO A 267 -10.86 -13.94 3.26
C PRO A 267 -9.87 -14.73 2.41
N GLU A 268 -10.39 -15.59 1.53
CA GLU A 268 -9.58 -16.30 0.53
C GLU A 268 -10.01 -15.81 -0.86
N PRO A 269 -9.06 -15.67 -1.80
CA PRO A 269 -9.43 -15.40 -3.18
C PRO A 269 -10.23 -16.55 -3.78
N LEU A 270 -11.34 -16.24 -4.44
CA LEU A 270 -12.24 -17.24 -5.00
C LEU A 270 -11.66 -17.90 -6.26
N THR A 271 -11.80 -19.22 -6.35
CA THR A 271 -11.45 -19.97 -7.55
C THR A 271 -12.66 -20.76 -8.01
N LEU A 272 -13.05 -20.58 -9.28
CA LEU A 272 -14.24 -21.21 -9.83
C LEU A 272 -14.08 -21.65 -11.30
N ARG A 273 -14.94 -22.59 -11.71
CA ARG A 273 -14.92 -23.18 -13.03
C ARG A 273 -16.35 -23.22 -13.56
N TRP A 274 -16.53 -23.56 -14.84
CA TRP A 274 -17.86 -23.80 -15.38
C TRP A 274 -18.35 -25.19 -15.00
N PRO B 2 -1.50 -4.84 3.28
CA PRO B 2 -0.25 -5.32 2.71
C PRO B 2 0.41 -6.38 3.59
N HIS B 3 0.85 -7.47 2.96
CA HIS B 3 1.43 -8.60 3.69
C HIS B 3 2.68 -9.14 3.01
N SER B 4 3.43 -9.98 3.75
CA SER B 4 4.64 -10.60 3.22
C SER B 4 5.00 -11.87 3.97
N MET B 5 5.62 -12.80 3.24
CA MET B 5 6.30 -13.93 3.83
C MET B 5 7.74 -13.92 3.35
N ARG B 6 8.67 -14.24 4.25
CA ARG B 6 10.07 -14.23 3.91
C ARG B 6 10.81 -15.37 4.58
N TYR B 7 11.77 -15.95 3.87
CA TYR B 7 12.70 -16.90 4.47
C TYR B 7 14.14 -16.39 4.35
N PHE B 8 14.80 -16.30 5.49
CA PHE B 8 16.18 -15.79 5.57
C PHE B 8 17.10 -16.96 5.90
N GLU B 9 18.02 -17.26 4.99
CA GLU B 9 18.89 -18.41 5.13
C GLU B 9 20.35 -18.00 5.21
N THR B 10 21.08 -18.64 6.11
CA THR B 10 22.51 -18.40 6.29
C THR B 10 23.22 -19.74 6.42
N ALA B 11 24.34 -19.88 5.72
CA ALA B 11 25.27 -20.98 5.91
C ALA B 11 26.66 -20.42 6.13
N VAL B 12 27.26 -20.79 7.26
CA VAL B 12 28.58 -20.29 7.61
C VAL B 12 29.57 -21.47 7.76
N SER B 13 30.74 -21.34 7.14
CA SER B 13 31.76 -22.38 7.14
C SER B 13 32.65 -22.33 8.38
N ARG B 14 32.99 -23.50 8.89
CA ARG B 14 33.94 -23.65 9.99
C ARG B 14 35.29 -24.13 9.44
N PRO B 15 36.41 -23.70 10.06
CA PRO B 15 37.70 -24.27 9.67
C PRO B 15 38.11 -25.49 10.51
N GLY B 16 38.55 -26.62 9.94
CA GLY B 16 38.45 -27.05 8.58
C GLY B 16 37.76 -28.40 8.44
N GLU B 19 32.33 -28.94 8.91
CA GLU B 19 30.98 -28.88 8.37
C GLU B 19 30.28 -27.54 8.66
N PRO B 20 29.65 -26.94 7.64
CA PRO B 20 29.00 -25.63 7.79
C PRO B 20 27.70 -25.69 8.57
N ARG B 21 27.46 -24.66 9.40
CA ARG B 21 26.21 -24.49 10.11
C ARG B 21 25.19 -23.80 9.22
N TYR B 22 23.97 -24.34 9.19
CA TYR B 22 22.90 -23.76 8.38
C TYR B 22 21.72 -23.36 9.27
N ILE B 23 21.27 -22.11 9.10
CA ILE B 23 20.12 -21.59 9.83
C ILE B 23 19.11 -20.99 8.84
N SER B 24 17.85 -21.37 8.98
CA SER B 24 16.76 -20.78 8.21
C SER B 24 15.74 -20.15 9.12
N VAL B 25 15.35 -18.90 8.82
CA VAL B 25 14.37 -18.19 9.61
C VAL B 25 13.21 -17.71 8.73
N GLY B 26 11.99 -18.11 9.10
CA GLY B 26 10.80 -17.69 8.37
C GLY B 26 10.08 -16.55 9.05
N TYR B 27 9.62 -15.59 8.25
CA TYR B 27 8.86 -14.44 8.75
C TYR B 27 7.50 -14.33 8.04
N VAL B 28 6.47 -13.94 8.80
CA VAL B 28 5.17 -13.56 8.23
C VAL B 28 4.80 -12.18 8.79
N ASP B 29 4.75 -11.20 7.89
CA ASP B 29 4.56 -9.79 8.25
C ASP B 29 5.60 -9.30 9.27
N ASN B 30 6.87 -9.64 8.99
CA ASN B 30 8.03 -9.21 9.79
C ASN B 30 8.18 -9.87 11.16
N LYS B 31 7.28 -10.80 11.49
CA LYS B 31 7.39 -11.54 12.74
C LYS B 31 7.86 -12.97 12.50
N GLU B 32 8.89 -13.36 13.22
CA GLU B 32 9.47 -14.70 13.13
C GLU B 32 8.45 -15.77 13.52
N PHE B 33 8.28 -16.77 12.65
CA PHE B 33 7.27 -17.82 12.89
C PHE B 33 7.80 -19.26 12.83
N VAL B 34 8.87 -19.47 12.06
CA VAL B 34 9.57 -20.77 12.02
C VAL B 34 11.08 -20.58 12.03
N ARG B 35 11.78 -21.59 12.53
CA ARG B 35 13.24 -21.55 12.61
C ARG B 35 13.86 -22.95 12.56
N PHE B 36 14.88 -23.08 11.71
CA PHE B 36 15.68 -24.30 11.64
C PHE B 36 17.12 -23.97 11.98
N ASP B 37 17.74 -24.82 12.80
CA ASP B 37 19.14 -24.67 13.18
C ASP B 37 19.83 -26.02 13.15
N SER B 38 20.88 -26.12 12.33
CA SER B 38 21.61 -27.39 12.16
C SER B 38 22.47 -27.76 13.38
N ASP B 39 22.82 -26.77 14.18
CA ASP B 39 23.61 -26.97 15.40
C ASP B 39 22.86 -27.69 16.52
N ALA B 40 21.53 -27.64 16.48
CA ALA B 40 20.68 -28.27 17.48
C ALA B 40 20.93 -29.78 17.61
N GLU B 41 20.57 -30.33 18.77
CA GLU B 41 20.70 -31.77 19.03
C GLU B 41 19.92 -32.57 18.00
N ASN B 42 18.66 -32.20 17.78
CA ASN B 42 17.81 -32.83 16.79
C ASN B 42 17.24 -31.78 15.83
N PRO B 43 17.98 -31.46 14.74
CA PRO B 43 17.65 -30.41 13.78
C PRO B 43 16.24 -30.55 13.19
N ARG B 44 15.44 -29.49 13.34
CA ARG B 44 14.04 -29.51 12.95
C ARG B 44 13.52 -28.08 12.83
N TYR B 45 12.53 -27.85 11.96
CA TYR B 45 11.81 -26.59 11.96
C TYR B 45 10.94 -26.54 13.21
N GLU B 46 11.06 -25.45 13.96
CA GLU B 46 10.31 -25.27 15.21
C GLU B 46 9.37 -24.07 15.11
N PRO B 47 8.17 -24.18 15.71
CA PRO B 47 7.27 -23.03 15.74
C PRO B 47 7.81 -21.90 16.63
N ARG B 48 7.77 -20.68 16.10
CA ARG B 48 8.30 -19.51 16.80
C ARG B 48 7.18 -18.52 17.11
N ALA B 49 5.97 -18.87 16.67
CA ALA B 49 4.75 -18.15 17.02
C ALA B 49 3.76 -19.17 17.60
N PRO B 50 2.94 -18.73 18.58
CA PRO B 50 1.95 -19.61 19.21
C PRO B 50 0.89 -20.16 18.23
N TRP B 51 0.47 -19.33 17.27
CA TRP B 51 -0.52 -19.74 16.26
C TRP B 51 0.05 -20.76 15.28
N MET B 52 1.37 -20.95 15.30
CA MET B 52 2.04 -21.87 14.40
C MET B 52 1.97 -23.31 14.89
N GLU B 53 1.55 -23.50 16.14
CA GLU B 53 1.41 -24.84 16.70
C GLU B 53 0.13 -25.55 16.25
N GLN B 54 -0.65 -24.88 15.41
CA GLN B 54 -1.80 -25.49 14.75
C GLN B 54 -1.38 -26.66 13.87
N GLU B 55 -0.30 -26.47 13.11
CA GLU B 55 0.19 -27.44 12.13
C GLU B 55 0.55 -28.79 12.75
N GLY B 56 0.30 -29.86 11.98
CA GLY B 56 0.54 -31.23 12.43
C GLY B 56 1.97 -31.70 12.27
N PRO B 57 2.26 -32.94 12.73
CA PRO B 57 3.63 -33.50 12.72
C PRO B 57 4.17 -33.73 11.32
N GLU B 58 3.29 -33.89 10.34
CA GLU B 58 3.68 -34.10 8.95
C GLU B 58 4.17 -32.79 8.30
N TYR B 59 3.61 -31.67 8.73
CA TYR B 59 4.05 -30.35 8.25
C TYR B 59 5.50 -30.09 8.63
N TRP B 60 5.83 -30.31 9.91
CA TRP B 60 7.16 -30.03 10.43
C TRP B 60 8.20 -30.94 9.79
N GLU B 61 7.85 -32.21 9.62
CA GLU B 61 8.74 -33.19 9.01
C GLU B 61 9.04 -32.83 7.55
N ARG B 62 8.00 -32.44 6.82
CA ARG B 62 8.12 -32.02 5.42
C ARG B 62 9.04 -30.81 5.29
N GLU B 63 8.83 -29.82 6.15
CA GLU B 63 9.65 -28.61 6.17
C GLU B 63 11.08 -28.91 6.64
N THR B 64 11.22 -29.80 7.61
CA THR B 64 12.53 -30.22 8.09
C THR B 64 13.37 -30.83 6.97
N GLN B 65 12.78 -31.74 6.20
CA GLN B 65 13.51 -32.38 5.09
C GLN B 65 13.90 -31.43 3.98
N LYS B 66 13.06 -30.42 3.75
CA LYS B 66 13.37 -29.36 2.78
C LYS B 66 14.56 -28.53 3.27
N ALA B 67 14.64 -28.32 4.58
CA ALA B 67 15.76 -27.61 5.20
C ALA B 67 17.05 -28.41 5.09
N LYS B 68 16.94 -29.74 5.14
CA LYS B 68 18.10 -30.61 5.01
C LYS B 68 18.62 -30.60 3.58
N GLY B 69 17.72 -30.32 2.64
CA GLY B 69 18.08 -30.18 1.23
C GLY B 69 18.76 -28.85 0.96
N GLN B 70 18.27 -27.79 1.58
CA GLN B 70 18.88 -26.47 1.49
C GLN B 70 20.29 -26.47 2.08
N GLU B 71 20.43 -27.08 3.25
CA GLU B 71 21.73 -27.25 3.91
C GLU B 71 22.76 -27.88 2.97
N GLN B 72 22.34 -28.93 2.24
CA GLN B 72 23.21 -29.60 1.27
C GLN B 72 23.45 -28.75 0.03
N TRP B 73 22.41 -28.03 -0.40
CA TRP B 73 22.55 -27.09 -1.51
C TRP B 73 23.60 -26.03 -1.17
N PHE B 74 23.51 -25.51 0.04
CA PHE B 74 24.44 -24.48 0.52
C PHE B 74 25.89 -24.95 0.64
N ARG B 75 26.08 -26.25 0.92
CA ARG B 75 27.42 -26.83 0.96
C ARG B 75 28.08 -26.84 -0.42
N VAL B 76 27.35 -27.38 -1.40
CA VAL B 76 27.85 -27.52 -2.76
C VAL B 76 28.11 -26.16 -3.40
N SER B 77 27.25 -25.20 -3.10
CA SER B 77 27.41 -23.82 -3.56
C SER B 77 28.66 -23.16 -2.97
N LEU B 78 28.88 -23.36 -1.67
CA LEU B 78 30.08 -22.89 -0.98
C LEU B 78 31.36 -23.38 -1.65
N ARG B 79 31.37 -24.64 -2.09
CA ARG B 79 32.52 -25.24 -2.74
C ARG B 79 32.73 -24.63 -4.14
N ASN B 80 31.63 -24.35 -4.83
CA ASN B 80 31.67 -23.71 -6.14
C ASN B 80 32.17 -22.26 -6.08
N LEU B 81 31.77 -21.54 -5.04
CA LEU B 81 32.21 -20.17 -4.80
C LEU B 81 33.73 -20.10 -4.59
N LEU B 82 34.25 -21.03 -3.78
CA LEU B 82 35.69 -21.15 -3.55
C LEU B 82 36.47 -21.25 -4.85
N GLY B 83 35.94 -22.01 -5.80
CA GLY B 83 36.53 -22.15 -7.13
C GLY B 83 36.48 -20.87 -7.95
N TYR B 84 35.37 -20.14 -7.86
CA TYR B 84 35.17 -18.90 -8.61
C TYR B 84 36.12 -17.79 -8.16
N TYR B 85 36.09 -17.49 -6.86
CA TYR B 85 36.84 -16.37 -6.30
C TYR B 85 38.30 -16.72 -6.03
N ASN B 86 38.71 -17.93 -6.44
CA ASN B 86 40.06 -18.44 -6.21
C ASN B 86 40.49 -18.41 -4.74
N GLN B 87 39.63 -18.95 -3.89
CA GLN B 87 39.94 -19.22 -2.50
C GLN B 87 40.19 -20.72 -2.35
N SER B 88 40.66 -21.14 -1.18
CA SER B 88 40.94 -22.55 -0.89
C SER B 88 39.96 -23.09 0.15
N ALA B 89 39.97 -24.41 0.33
CA ALA B 89 39.28 -25.05 1.45
C ALA B 89 40.28 -25.28 2.59
N GLY B 90 39.87 -25.01 3.84
CA GLY B 90 38.57 -24.44 4.15
C GLY B 90 38.72 -23.40 5.24
N GLY B 91 38.31 -22.18 4.92
CA GLY B 91 38.33 -21.08 5.87
C GLY B 91 36.96 -20.82 6.48
N SER B 92 36.66 -19.53 6.69
CA SER B 92 35.37 -19.12 7.22
C SER B 92 34.67 -18.19 6.24
N HIS B 93 33.54 -18.65 5.72
CA HIS B 93 32.81 -17.92 4.69
C HIS B 93 31.31 -17.88 5.00
N THR B 94 30.61 -16.93 4.40
CA THR B 94 29.18 -16.76 4.65
C THR B 94 28.39 -16.68 3.35
N LEU B 95 27.39 -17.54 3.23
CA LEU B 95 26.42 -17.48 2.14
C LEU B 95 25.02 -17.27 2.72
N GLN B 96 24.31 -16.30 2.15
CA GLN B 96 22.99 -15.91 2.63
C GLN B 96 21.98 -15.87 1.50
N GLN B 97 20.71 -16.09 1.84
CA GLN B 97 19.62 -16.05 0.87
C GLN B 97 18.36 -15.42 1.44
N MET B 98 17.73 -14.55 0.66
CA MET B 98 16.43 -13.98 0.98
C MET B 98 15.43 -14.37 -0.11
N SER B 99 14.30 -14.91 0.31
CA SER B 99 13.23 -15.29 -0.61
C SER B 99 11.88 -14.94 0.01
N GLY B 100 10.90 -14.66 -0.82
CA GLY B 100 9.55 -14.41 -0.34
C GLY B 100 8.68 -13.65 -1.32
N CYS B 101 7.45 -13.38 -0.88
CA CYS B 101 6.45 -12.73 -1.71
C CYS B 101 5.73 -11.63 -0.94
N ASP B 102 5.51 -10.49 -1.61
CA ASP B 102 4.68 -9.42 -1.10
C ASP B 102 3.25 -9.57 -1.61
N LEU B 103 2.28 -9.41 -0.71
CA LEU B 103 0.87 -9.43 -1.09
C LEU B 103 0.24 -8.04 -0.92
N GLY B 104 -0.60 -7.67 -1.86
CA GLY B 104 -1.44 -6.47 -1.73
C GLY B 104 -2.63 -6.80 -0.82
N SER B 105 -3.44 -5.79 -0.52
CA SER B 105 -4.59 -6.01 0.36
C SER B 105 -5.68 -6.86 -0.31
N ASP B 106 -5.62 -6.97 -1.63
CA ASP B 106 -6.51 -7.86 -2.39
C ASP B 106 -6.00 -9.31 -2.40
N TRP B 107 -4.86 -9.53 -1.74
CA TRP B 107 -4.27 -10.86 -1.53
C TRP B 107 -3.68 -11.50 -2.79
N ARG B 108 -3.39 -10.67 -3.80
CA ARG B 108 -2.67 -11.17 -4.97
C ARG B 108 -1.22 -10.71 -4.95
N LEU B 109 -0.40 -11.34 -5.78
CA LEU B 109 1.04 -11.12 -5.80
C LEU B 109 1.42 -9.70 -6.23
N LEU B 110 2.16 -9.01 -5.36
CA LEU B 110 2.74 -7.72 -5.70
C LEU B 110 4.17 -7.87 -6.22
N ARG B 111 4.98 -8.61 -5.46
CA ARG B 111 6.38 -8.83 -5.84
C ARG B 111 6.94 -10.12 -5.22
N GLY B 112 7.78 -10.80 -6.00
CA GLY B 112 8.52 -11.96 -5.51
C GLY B 112 10.01 -11.65 -5.39
N TYR B 113 10.67 -12.25 -4.40
CA TYR B 113 12.07 -11.97 -4.12
C TYR B 113 12.94 -13.22 -4.12
N LEU B 114 14.14 -13.09 -4.68
CA LEU B 114 15.17 -14.11 -4.56
C LEU B 114 16.53 -13.46 -4.78
N GLN B 115 17.33 -13.41 -3.72
CA GLN B 115 18.67 -12.84 -3.78
C GLN B 115 19.66 -13.55 -2.87
N PHE B 116 20.91 -13.62 -3.34
CA PHE B 116 22.00 -14.29 -2.63
C PHE B 116 23.12 -13.31 -2.32
N ALA B 117 23.83 -13.57 -1.24
CA ALA B 117 24.99 -12.77 -0.87
C ALA B 117 26.14 -13.67 -0.45
N TYR B 118 27.35 -13.32 -0.88
CA TYR B 118 28.54 -14.03 -0.46
C TYR B 118 29.47 -13.07 0.28
N GLU B 119 29.92 -13.49 1.46
CA GLU B 119 30.77 -12.69 2.35
C GLU B 119 30.10 -11.39 2.80
N GLY B 120 28.77 -11.38 2.82
CA GLY B 120 28.01 -10.24 3.31
C GLY B 120 27.63 -9.18 2.28
N ARG B 121 28.05 -9.39 1.04
CA ARG B 121 27.74 -8.45 -0.05
C ARG B 121 26.99 -9.14 -1.20
N ASP B 122 26.20 -8.35 -1.94
CA ASP B 122 25.40 -8.84 -3.07
C ASP B 122 26.15 -9.83 -3.95
N TYR B 123 25.48 -10.91 -4.34
CA TYR B 123 26.05 -11.86 -5.28
C TYR B 123 25.20 -11.95 -6.55
N ILE B 124 24.00 -12.50 -6.42
CA ILE B 124 23.06 -12.55 -7.54
C ILE B 124 21.62 -12.37 -7.05
N ALA B 125 20.83 -11.67 -7.85
CA ALA B 125 19.43 -11.40 -7.52
C ALA B 125 18.53 -11.75 -8.69
N LEU B 126 17.32 -12.21 -8.38
CA LEU B 126 16.27 -12.38 -9.38
C LEU B 126 15.56 -11.05 -9.53
N ASN B 127 15.40 -10.60 -10.77
CA ASN B 127 14.74 -9.32 -11.06
C ASN B 127 13.24 -9.40 -10.81
N GLU B 128 12.60 -8.23 -10.68
CA GLU B 128 11.17 -8.18 -10.39
C GLU B 128 10.31 -8.91 -11.43
N ASP B 129 10.84 -9.07 -12.64
CA ASP B 129 10.13 -9.79 -13.71
C ASP B 129 10.09 -11.31 -13.49
N LEU B 130 10.94 -11.80 -12.58
CA LEU B 130 11.08 -13.23 -12.24
C LEU B 130 11.59 -14.08 -13.40
N LYS B 131 12.30 -13.47 -14.34
CA LYS B 131 12.81 -14.16 -15.52
C LYS B 131 14.31 -13.97 -15.72
N THR B 132 14.79 -12.75 -15.48
CA THR B 132 16.19 -12.38 -15.71
C THR B 132 16.97 -12.24 -14.40
N TRP B 133 18.30 -12.35 -14.49
CA TRP B 133 19.19 -12.25 -13.34
C TRP B 133 20.11 -11.03 -13.45
N THR B 134 20.35 -10.38 -12.31
CA THR B 134 21.39 -9.36 -12.22
C THR B 134 22.51 -9.90 -11.34
N ALA B 135 23.73 -9.96 -11.88
CA ALA B 135 24.90 -10.41 -11.15
C ALA B 135 25.70 -9.23 -10.62
N ALA B 136 26.12 -9.30 -9.36
CA ALA B 136 26.78 -8.18 -8.69
C ALA B 136 28.24 -8.01 -9.08
N ASP B 137 28.91 -9.11 -9.41
CA ASP B 137 30.33 -9.08 -9.80
C ASP B 137 30.69 -10.16 -10.82
N MET B 138 31.98 -10.28 -11.13
CA MET B 138 32.47 -11.15 -12.19
C MET B 138 32.18 -12.63 -11.95
N ALA B 139 32.32 -13.08 -10.71
CA ALA B 139 32.13 -14.48 -10.35
C ALA B 139 30.66 -14.89 -10.48
N ALA B 140 29.76 -14.02 -10.05
CA ALA B 140 28.33 -14.24 -10.12
C ALA B 140 27.81 -14.31 -11.56
N GLN B 141 28.59 -13.79 -12.49
CA GLN B 141 28.26 -13.90 -13.91
C GLN B 141 28.32 -15.34 -14.39
N ILE B 142 29.29 -16.08 -13.88
CA ILE B 142 29.39 -17.52 -14.15
C ILE B 142 28.08 -18.21 -13.74
N THR B 143 27.60 -17.91 -12.53
CA THR B 143 26.32 -18.40 -12.03
C THR B 143 25.17 -17.97 -12.95
N ARG B 144 25.15 -16.67 -13.29
CA ARG B 144 24.09 -16.11 -14.13
C ARG B 144 23.92 -16.86 -15.45
N ARG B 145 25.02 -17.05 -16.19
CA ARG B 145 24.97 -17.74 -17.49
C ARG B 145 24.61 -19.22 -17.32
N LYS B 146 25.03 -19.81 -16.20
CA LYS B 146 24.68 -21.19 -15.86
C LYS B 146 23.19 -21.37 -15.62
N TRP B 147 22.57 -20.34 -15.05
CA TRP B 147 21.17 -20.38 -14.64
C TRP B 147 20.21 -19.97 -15.76
N GLU B 148 20.75 -19.29 -16.77
CA GLU B 148 19.98 -18.92 -17.96
C GLU B 148 19.85 -20.13 -18.87
N GLN B 149 20.94 -20.87 -19.02
CA GLN B 149 21.02 -22.10 -19.79
C GLN B 149 20.06 -23.15 -19.22
N SER B 150 20.09 -23.34 -17.90
CA SER B 150 19.31 -24.40 -17.26
C SER B 150 17.92 -23.92 -16.79
N GLY B 151 17.62 -22.65 -17.02
CA GLY B 151 16.32 -22.07 -16.72
C GLY B 151 15.87 -22.23 -15.28
N ALA B 152 16.72 -21.78 -14.35
CA ALA B 152 16.42 -21.83 -12.92
C ALA B 152 15.33 -20.84 -12.53
N ALA B 153 15.27 -19.74 -13.26
CA ALA B 153 14.30 -18.66 -13.02
C ALA B 153 12.85 -19.14 -12.98
N GLU B 154 12.52 -20.12 -13.81
CA GLU B 154 11.16 -20.64 -13.92
C GLU B 154 10.70 -21.36 -12.66
N HIS B 155 11.60 -22.12 -12.05
CA HIS B 155 11.30 -22.86 -10.83
C HIS B 155 10.99 -21.93 -9.65
N TYR B 156 11.78 -20.87 -9.50
CA TYR B 156 11.56 -19.90 -8.44
C TYR B 156 10.31 -19.07 -8.71
N LYS B 157 10.05 -18.78 -10.00
CA LYS B 157 8.83 -18.08 -10.41
C LYS B 157 7.58 -18.87 -9.99
N ALA B 158 7.63 -20.19 -10.15
CA ALA B 158 6.53 -21.06 -9.76
C ALA B 158 6.31 -21.03 -8.24
N TYR B 159 7.39 -21.11 -7.47
CA TYR B 159 7.28 -21.01 -6.02
C TYR B 159 6.69 -19.67 -5.61
N LEU B 160 7.27 -18.59 -6.13
CA LEU B 160 6.89 -17.22 -5.73
C LEU B 160 5.45 -16.87 -6.09
N GLU B 161 4.94 -17.40 -7.20
CA GLU B 161 3.55 -17.19 -7.61
C GLU B 161 2.59 -18.27 -7.07
N GLY B 162 3.14 -19.41 -6.66
CA GLY B 162 2.35 -20.54 -6.19
C GLY B 162 2.37 -20.76 -4.68
N GLU B 163 3.25 -21.64 -4.22
CA GLU B 163 3.34 -22.02 -2.81
C GLU B 163 3.49 -20.84 -1.86
N CYS B 164 4.34 -19.88 -2.22
CA CYS B 164 4.60 -18.70 -1.40
C CYS B 164 3.29 -17.98 -1.06
N VAL B 165 2.53 -17.67 -2.12
CA VAL B 165 1.26 -16.96 -2.02
C VAL B 165 0.19 -17.77 -1.28
N GLU B 166 0.02 -19.03 -1.69
CA GLU B 166 -1.05 -19.87 -1.17
C GLU B 166 -0.85 -20.32 0.29
N TRP B 167 0.40 -20.41 0.73
CA TRP B 167 0.70 -20.75 2.12
C TRP B 167 0.69 -19.53 3.03
N LEU B 168 1.09 -18.38 2.50
CA LEU B 168 0.99 -17.12 3.22
C LEU B 168 -0.47 -16.82 3.56
N HIS B 169 -1.37 -17.16 2.64
CA HIS B 169 -2.82 -17.08 2.87
C HIS B 169 -3.21 -17.94 4.06
N ARG B 170 -2.73 -19.18 4.08
CA ARG B 170 -2.97 -20.13 5.18
C ARG B 170 -2.47 -19.60 6.52
N TYR B 171 -1.27 -19.01 6.52
CA TYR B 171 -0.67 -18.49 7.76
C TYR B 171 -1.40 -17.27 8.29
N LEU B 172 -1.84 -16.41 7.37
CA LEU B 172 -2.59 -15.21 7.74
C LEU B 172 -3.98 -15.53 8.29
N LYS B 173 -4.53 -16.67 7.88
CA LYS B 173 -5.79 -17.17 8.43
C LYS B 173 -5.57 -17.66 9.86
N ASN B 174 -4.52 -18.45 10.04
CA ASN B 174 -4.24 -19.12 11.31
C ASN B 174 -3.84 -18.18 12.46
N GLY B 175 -3.38 -16.98 12.12
CA GLY B 175 -2.94 -16.01 13.12
C GLY B 175 -3.52 -14.61 12.98
N ASN B 176 -4.85 -14.52 12.86
CA ASN B 176 -5.55 -13.23 12.83
C ASN B 176 -5.42 -12.44 14.13
N ALA B 177 -5.53 -13.14 15.26
CA ALA B 177 -5.53 -12.52 16.59
C ALA B 177 -4.19 -11.88 16.99
N THR B 178 -3.14 -12.17 16.24
CA THR B 178 -1.78 -11.72 16.55
C THR B 178 -1.13 -10.96 15.39
N LEU B 179 -1.33 -11.44 14.17
CA LEU B 179 -0.74 -10.81 12.98
C LEU B 179 -1.49 -9.53 12.58
N LEU B 180 -2.82 -9.57 12.66
CA LEU B 180 -3.66 -8.41 12.36
C LEU B 180 -3.70 -7.45 13.54
N ARG B 181 -3.29 -7.96 14.70
CA ARG B 181 -3.28 -7.18 15.94
C ARG B 181 -2.41 -5.93 15.90
N THR B 182 -2.86 -4.91 16.62
CA THR B 182 -2.18 -3.64 16.75
C THR B 182 -1.88 -3.32 18.21
N ASP B 183 -0.70 -2.74 18.46
CA ASP B 183 -0.36 -2.18 19.78
C ASP B 183 0.08 -0.73 19.61
N SER B 184 -0.70 0.17 20.19
CA SER B 184 -0.48 1.61 20.06
C SER B 184 0.75 2.07 20.86
N PRO B 185 1.50 3.04 20.32
CA PRO B 185 2.61 3.61 21.05
C PRO B 185 2.12 4.51 22.18
N LYS B 186 2.49 4.18 23.41
CA LYS B 186 2.26 5.09 24.53
C LYS B 186 3.42 6.08 24.52
N ALA B 187 3.11 7.34 24.24
CA ALA B 187 4.13 8.36 24.03
C ALA B 187 4.20 9.37 25.17
N HIS B 188 5.42 9.71 25.55
CA HIS B 188 5.69 10.78 26.52
C HIS B 188 6.93 11.56 26.10
N VAL B 189 7.13 12.73 26.70
CA VAL B 189 8.27 13.60 26.35
C VAL B 189 9.09 13.93 27.59
N THR B 190 10.42 13.78 27.45
CA THR B 190 11.35 14.06 28.53
C THR B 190 12.16 15.35 28.28
N HIS B 191 12.74 15.87 29.35
CA HIS B 191 13.30 17.21 29.41
C HIS B 191 14.69 17.14 30.05
N HIS B 192 15.72 17.47 29.29
CA HIS B 192 17.11 17.36 29.75
C HIS B 192 17.92 18.62 29.45
N PRO B 193 17.93 19.60 30.39
CA PRO B 193 18.69 20.83 30.19
C PRO B 193 20.18 20.59 29.94
N ARG B 194 20.78 21.43 29.10
CA ARG B 194 22.18 21.25 28.67
C ARG B 194 22.97 22.58 28.64
N SER B 195 24.07 22.58 27.90
CA SER B 195 24.99 23.71 27.86
C SER B 195 24.60 24.74 26.81
N LYS B 196 24.42 25.99 27.27
CA LYS B 196 24.10 27.19 26.45
C LYS B 196 22.79 27.87 26.83
N GLY B 197 21.97 27.18 27.61
CA GLY B 197 20.59 27.61 27.87
C GLY B 197 19.65 26.76 27.02
N GLU B 198 20.24 25.72 26.43
CA GLU B 198 19.51 24.82 25.55
C GLU B 198 18.98 23.61 26.33
N VAL B 199 17.93 22.99 25.81
CA VAL B 199 17.33 21.80 26.41
C VAL B 199 17.12 20.76 25.31
N THR B 200 17.35 19.50 25.64
CA THR B 200 17.03 18.40 24.74
C THR B 200 15.63 17.88 25.06
N LEU B 201 14.68 18.20 24.19
CA LEU B 201 13.35 17.63 24.27
C LEU B 201 13.36 16.30 23.53
N ARG B 202 13.01 15.23 24.23
CA ARG B 202 13.08 13.89 23.65
C ARG B 202 11.74 13.15 23.71
N CYS B 203 11.20 12.86 22.52
CA CYS B 203 9.90 12.24 22.39
C CYS B 203 10.03 10.73 22.31
N TRP B 204 9.41 10.03 23.25
CA TRP B 204 9.50 8.58 23.34
C TRP B 204 8.25 7.92 22.77
N ALA B 205 8.46 6.86 22.00
CA ALA B 205 7.38 5.98 21.59
C ALA B 205 7.73 4.58 22.06
N LEU B 206 6.91 4.03 22.95
CA LEU B 206 7.20 2.74 23.58
C LEU B 206 6.06 1.75 23.41
N GLY B 207 6.41 0.47 23.34
CA GLY B 207 5.45 -0.63 23.33
C GLY B 207 4.51 -0.70 22.14
N PHE B 208 5.01 -0.38 20.95
CA PHE B 208 4.18 -0.41 19.74
C PHE B 208 4.48 -1.60 18.81
N TYR B 209 3.42 -2.11 18.20
CA TYR B 209 3.52 -3.16 17.17
C TYR B 209 2.53 -2.85 16.05
N PRO B 210 2.96 -2.97 14.76
CA PRO B 210 4.29 -3.35 14.26
C PRO B 210 5.36 -2.27 14.45
N ALA B 211 6.55 -2.54 13.89
CA ALA B 211 7.73 -1.72 14.09
C ALA B 211 7.71 -0.38 13.35
N ASP B 212 6.99 -0.33 12.22
CA ASP B 212 6.92 0.87 11.40
C ASP B 212 6.31 2.03 12.19
N ILE B 213 7.00 3.17 12.18
CA ILE B 213 6.57 4.36 12.91
C ILE B 213 7.32 5.58 12.37
N THR B 214 6.75 6.77 12.61
CA THR B 214 7.37 8.03 12.22
C THR B 214 7.26 9.06 13.34
N LEU B 215 8.41 9.62 13.73
CA LEU B 215 8.45 10.66 14.75
C LEU B 215 8.96 11.95 14.14
N THR B 216 8.23 13.04 14.38
CA THR B 216 8.61 14.37 13.90
C THR B 216 8.36 15.45 14.93
N TRP B 217 9.04 16.60 14.76
CA TRP B 217 8.90 17.72 15.68
C TRP B 217 8.24 18.95 15.04
N MET B 228 18.39 16.99 14.43
CA MET B 228 17.33 16.14 14.95
C MET B 228 17.83 14.71 15.09
N GLU B 229 18.18 14.34 16.32
CA GLU B 229 18.68 12.99 16.60
C GLU B 229 17.52 11.99 16.59
N LEU B 230 17.73 10.89 15.86
CA LEU B 230 16.69 9.89 15.65
C LEU B 230 17.33 8.50 15.62
N VAL B 231 17.30 7.81 16.76
CA VAL B 231 17.87 6.45 16.85
C VAL B 231 17.03 5.43 16.07
N GLU B 232 17.71 4.37 15.63
CA GLU B 232 17.05 3.28 14.92
C GLU B 232 16.12 2.49 15.84
N THR B 233 14.96 2.12 15.30
CA THR B 233 13.97 1.34 16.01
C THR B 233 14.60 0.08 16.59
N ARG B 234 14.26 -0.20 17.85
CA ARG B 234 14.84 -1.30 18.61
C ARG B 234 13.74 -2.16 19.22
N PRO B 235 14.00 -3.48 19.32
CA PRO B 235 13.03 -4.37 19.96
C PRO B 235 13.02 -4.22 21.47
N ALA B 236 11.83 -4.24 22.07
CA ALA B 236 11.70 -4.20 23.52
C ALA B 236 12.04 -5.57 24.12
N GLY B 237 11.85 -6.61 23.33
CA GLY B 237 12.12 -7.98 23.76
C GLY B 237 10.87 -8.76 24.14
N ASP B 238 9.75 -8.07 24.27
CA ASP B 238 8.48 -8.71 24.62
C ASP B 238 7.53 -8.85 23.42
N GLY B 239 8.01 -8.46 22.25
CA GLY B 239 7.20 -8.47 21.04
C GLY B 239 6.98 -7.08 20.48
N THR B 240 7.12 -6.07 21.34
CA THR B 240 6.89 -4.68 20.97
C THR B 240 8.20 -3.93 20.67
N PHE B 241 8.08 -2.70 20.18
CA PHE B 241 9.23 -1.94 19.70
C PHE B 241 9.32 -0.54 20.34
N GLN B 242 10.52 0.03 20.28
CA GLN B 242 10.81 1.35 20.86
C GLN B 242 11.51 2.24 19.86
N LYS B 243 11.32 3.55 20.00
CA LYS B 243 12.05 4.54 19.23
C LYS B 243 11.92 5.89 19.92
N TRP B 244 12.93 6.75 19.74
CA TRP B 244 12.82 8.14 20.17
C TRP B 244 13.46 9.15 19.21
N ALA B 245 12.92 10.37 19.23
CA ALA B 245 13.46 11.47 18.47
C ALA B 245 13.68 12.65 19.42
N SER B 246 14.73 13.43 19.14
CA SER B 246 15.09 14.55 20.01
C SER B 246 15.54 15.80 19.24
N VAL B 247 15.20 16.95 19.79
CA VAL B 247 15.62 18.25 19.24
C VAL B 247 16.23 19.12 20.33
N VAL B 248 17.08 20.07 19.92
CA VAL B 248 17.69 21.01 20.85
C VAL B 248 16.89 22.32 20.83
N VAL B 249 16.35 22.67 21.98
CA VAL B 249 15.46 23.83 22.11
C VAL B 249 16.01 24.82 23.13
N GLN B 255 9.58 26.30 24.24
CA GLN B 255 8.86 25.04 24.36
C GLN B 255 7.49 25.12 23.69
N ASN B 256 7.49 25.65 22.45
CA ASN B 256 6.31 25.62 21.61
C ASN B 256 6.55 24.69 20.42
N TYR B 257 7.37 23.67 20.67
CA TYR B 257 7.62 22.57 19.75
C TYR B 257 6.66 21.44 20.10
N THR B 258 6.12 20.79 19.09
CA THR B 258 5.23 19.65 19.28
C THR B 258 5.82 18.40 18.64
N CYS B 259 5.84 17.30 19.38
CA CYS B 259 6.19 16.01 18.81
C CYS B 259 4.96 15.37 18.19
N ARG B 260 5.14 14.79 17.00
CA ARG B 260 4.05 14.10 16.31
C ARG B 260 4.42 12.64 16.07
N VAL B 261 3.53 11.74 16.47
CA VAL B 261 3.75 10.31 16.33
C VAL B 261 2.72 9.71 15.38
N TYR B 262 3.20 9.09 14.32
CA TYR B 262 2.33 8.48 13.32
C TYR B 262 2.48 6.95 13.31
N HIS B 263 1.38 6.24 13.61
CA HIS B 263 1.41 4.79 13.72
C HIS B 263 0.06 4.15 13.36
N GLU B 264 0.13 2.98 12.71
CA GLU B 264 -1.04 2.23 12.24
C GLU B 264 -2.11 1.97 13.30
N GLY B 265 -1.67 1.67 14.52
CA GLY B 265 -2.57 1.39 15.63
C GLY B 265 -3.23 2.61 16.25
N LEU B 266 -2.84 3.79 15.76
CA LEU B 266 -3.41 5.05 16.24
C LEU B 266 -4.58 5.50 15.36
N PRO B 267 -5.81 5.56 15.94
CA PRO B 267 -6.95 6.17 15.26
C PRO B 267 -6.62 7.60 14.79
N GLU B 268 -6.10 8.42 15.71
CA GLU B 268 -5.59 9.75 15.36
C GLU B 268 -4.10 9.79 15.69
N PRO B 269 -3.30 10.47 14.83
CA PRO B 269 -1.88 10.66 15.13
C PRO B 269 -1.71 11.51 16.40
N LEU B 270 -0.85 11.07 17.30
CA LEU B 270 -0.65 11.74 18.58
C LEU B 270 0.16 13.02 18.45
N THR B 271 -0.28 14.06 19.16
CA THR B 271 0.47 15.30 19.26
C THR B 271 0.69 15.62 20.73
N LEU B 272 1.96 15.83 21.12
CA LEU B 272 2.30 16.19 22.50
C LEU B 272 3.45 17.17 22.66
N ARG B 273 3.53 17.77 23.84
CA ARG B 273 4.56 18.74 24.19
C ARG B 273 5.18 18.37 25.54
N TRP B 274 6.20 19.11 25.95
CA TRP B 274 6.75 18.97 27.29
C TRP B 274 5.87 19.73 28.29
N GLN C 3 34.08 -7.26 6.54
CA GLN C 3 34.03 -6.93 8.00
C GLN C 3 33.29 -5.63 8.27
N LYS C 4 32.21 -5.71 9.05
CA LYS C 4 31.41 -4.55 9.41
C LYS C 4 31.35 -4.37 10.93
N THR C 5 31.59 -3.14 11.38
CA THR C 5 31.61 -2.84 12.82
C THR C 5 30.19 -2.79 13.40
N PRO C 6 29.97 -3.51 14.51
CA PRO C 6 28.68 -3.53 15.22
C PRO C 6 28.24 -2.16 15.70
N GLN C 7 26.93 -1.92 15.64
CA GLN C 7 26.33 -0.76 16.28
C GLN C 7 25.60 -1.25 17.53
N ILE C 8 25.78 -0.53 18.63
CA ILE C 8 25.23 -0.98 19.92
C ILE C 8 24.24 0.02 20.51
N GLN C 9 23.18 -0.52 21.10
CA GLN C 9 22.22 0.25 21.88
C GLN C 9 21.97 -0.46 23.20
N VAL C 10 22.22 0.23 24.30
CA VAL C 10 21.91 -0.30 25.64
C VAL C 10 20.72 0.49 26.19
N TYR C 11 19.69 -0.23 26.63
CA TYR C 11 18.42 0.40 27.04
C TYR C 11 17.53 -0.58 27.79
N SER C 12 16.58 -0.04 28.54
CA SER C 12 15.63 -0.85 29.29
C SER C 12 14.34 -1.08 28.52
N ARG C 13 13.66 -2.19 28.81
CA ARG C 13 12.40 -2.54 28.18
C ARG C 13 11.31 -1.53 28.57
N HIS C 14 11.30 -1.16 29.85
CA HIS C 14 10.34 -0.20 30.36
C HIS C 14 11.08 1.05 30.86
N PRO C 15 10.37 2.20 30.97
CA PRO C 15 11.02 3.35 31.59
C PRO C 15 11.47 3.00 33.01
N PRO C 16 12.72 3.32 33.36
CA PRO C 16 13.30 2.81 34.58
C PRO C 16 12.92 3.60 35.82
N GLU C 17 12.62 2.86 36.89
CA GLU C 17 12.36 3.43 38.21
C GLU C 17 13.20 2.67 39.23
N ASN C 18 14.00 3.41 40.00
CA ASN C 18 14.86 2.83 41.03
C ASN C 18 14.09 1.90 41.96
N GLY C 19 14.59 0.68 42.10
CA GLY C 19 13.95 -0.31 42.97
C GLY C 19 12.99 -1.26 42.26
N LYS C 20 12.54 -0.87 41.06
CA LYS C 20 11.64 -1.71 40.28
C LYS C 20 12.36 -2.65 39.33
N PRO C 21 11.98 -3.95 39.32
CA PRO C 21 12.54 -4.91 38.37
C PRO C 21 12.21 -4.53 36.94
N ASN C 22 13.17 -4.77 36.04
CA ASN C 22 13.07 -4.36 34.64
C ASN C 22 13.85 -5.36 33.79
N ILE C 23 13.91 -5.08 32.49
CA ILE C 23 14.73 -5.84 31.55
C ILE C 23 15.71 -4.87 30.87
N LEU C 24 17.00 -5.20 30.91
CA LEU C 24 18.02 -4.41 30.21
C LEU C 24 18.43 -5.10 28.91
N ASN C 25 18.34 -4.36 27.81
CA ASN C 25 18.65 -4.90 26.48
C ASN C 25 19.97 -4.38 25.91
N CYS C 26 20.67 -5.26 25.22
CA CYS C 26 21.82 -4.87 24.42
C CYS C 26 21.55 -5.32 22.99
N TYR C 27 21.29 -4.35 22.13
CA TYR C 27 20.87 -4.62 20.76
C TYR C 27 22.04 -4.34 19.83
N VAL C 28 22.66 -5.41 19.34
CA VAL C 28 23.85 -5.31 18.48
C VAL C 28 23.46 -5.54 17.02
N THR C 29 23.90 -4.63 16.16
CA THR C 29 23.37 -4.53 14.80
C THR C 29 24.47 -4.20 13.79
N GLN C 30 24.19 -4.44 12.52
CA GLN C 30 25.03 -4.03 11.38
C GLN C 30 26.45 -4.62 11.35
N PHE C 31 26.61 -5.83 11.87
CA PHE C 31 27.91 -6.48 11.92
C PHE C 31 28.06 -7.66 10.97
N HIS C 32 29.30 -7.95 10.61
CA HIS C 32 29.68 -9.08 9.79
C HIS C 32 31.19 -9.27 9.96
N PRO C 33 31.67 -10.52 10.09
CA PRO C 33 31.00 -11.83 10.01
C PRO C 33 30.05 -12.11 11.17
N PRO C 34 29.24 -13.19 11.08
CA PRO C 34 28.25 -13.54 12.10
C PRO C 34 28.80 -13.75 13.52
N HIS C 35 29.98 -14.37 13.64
CA HIS C 35 30.54 -14.66 14.97
C HIS C 35 30.83 -13.41 15.79
N ILE C 36 30.27 -13.37 16.99
CA ILE C 36 30.35 -12.21 17.88
C ILE C 36 30.31 -12.67 19.34
N GLU C 37 30.93 -11.89 20.23
CA GLU C 37 30.92 -12.21 21.66
C GLU C 37 30.35 -11.04 22.47
N ILE C 38 29.31 -11.31 23.24
CA ILE C 38 28.60 -10.27 24.00
C ILE C 38 28.51 -10.59 25.50
N GLN C 39 28.93 -9.63 26.31
CA GLN C 39 28.82 -9.73 27.75
C GLN C 39 28.04 -8.54 28.28
N MET C 40 27.40 -8.71 29.43
CA MET C 40 26.74 -7.59 30.11
C MET C 40 27.21 -7.47 31.56
N LEU C 41 27.59 -6.26 31.95
CA LEU C 41 28.24 -6.02 33.23
C LEU C 41 27.41 -5.17 34.18
N LYS C 42 27.37 -5.60 35.44
CA LYS C 42 26.85 -4.78 36.53
C LYS C 42 28.04 -4.30 37.36
N ASN C 43 28.21 -2.98 37.43
CA ASN C 43 29.30 -2.33 38.17
C ASN C 43 30.71 -2.76 37.74
N GLY C 44 30.81 -3.31 36.53
CA GLY C 44 32.08 -3.76 35.99
C GLY C 44 32.27 -5.27 36.03
N LYS C 45 31.35 -5.98 36.67
CA LYS C 45 31.43 -7.43 36.77
C LYS C 45 30.36 -8.12 35.92
N LYS C 46 30.78 -9.16 35.20
CA LYS C 46 29.91 -9.96 34.33
C LYS C 46 28.65 -10.45 35.03
N ILE C 47 27.50 -10.24 34.39
CA ILE C 47 26.24 -10.82 34.84
C ILE C 47 26.20 -12.26 34.31
N PRO C 48 26.02 -13.25 35.21
CA PRO C 48 26.06 -14.69 34.89
C PRO C 48 25.06 -15.17 33.83
N LYS C 49 23.76 -15.00 34.10
CA LYS C 49 22.70 -15.58 33.25
C LYS C 49 22.19 -14.61 32.18
N VAL C 50 22.97 -14.47 31.11
CA VAL C 50 22.64 -13.54 30.02
C VAL C 50 21.95 -14.28 28.87
N GLU C 51 20.68 -13.93 28.65
CA GLU C 51 19.88 -14.51 27.58
C GLU C 51 20.26 -13.93 26.22
N MET C 52 20.65 -14.81 25.30
CA MET C 52 20.95 -14.43 23.93
C MET C 52 19.79 -14.84 23.04
N SER C 53 19.39 -13.95 22.16
CA SER C 53 18.44 -14.30 21.11
C SER C 53 19.19 -15.09 20.04
N ASP C 54 18.44 -15.70 19.12
CA ASP C 54 19.05 -16.44 18.03
C ASP C 54 19.48 -15.50 16.91
N MET C 55 20.48 -15.91 16.14
CA MET C 55 21.04 -15.11 15.05
C MET C 55 20.02 -14.77 13.97
N SER C 56 20.01 -13.50 13.56
CA SER C 56 19.19 -13.06 12.44
C SER C 56 19.97 -12.06 11.60
N PHE C 57 19.41 -11.68 10.44
CA PHE C 57 20.00 -10.63 9.62
C PHE C 57 18.95 -9.80 8.88
N SER C 58 19.30 -8.57 8.56
CA SER C 58 18.38 -7.65 7.91
C SER C 58 18.55 -7.64 6.40
N LYS C 59 17.67 -6.93 5.70
CA LYS C 59 17.62 -6.88 4.24
C LYS C 59 18.92 -6.38 3.59
N ASP C 60 19.80 -5.76 4.37
CA ASP C 60 21.09 -5.27 3.88
C ASP C 60 22.22 -6.29 4.09
N TRP C 61 21.83 -7.49 4.52
CA TRP C 61 22.72 -8.64 4.75
C TRP C 61 23.40 -8.70 6.13
N SER C 62 23.49 -7.56 6.80
CA SER C 62 24.14 -7.44 8.10
C SER C 62 23.36 -8.16 9.21
N PHE C 63 24.09 -8.75 10.15
CA PHE C 63 23.49 -9.54 11.23
C PHE C 63 23.10 -8.68 12.43
N TYR C 64 22.19 -9.21 13.25
CA TYR C 64 21.77 -8.55 14.49
C TYR C 64 21.36 -9.55 15.57
N ILE C 65 21.50 -9.12 16.82
CA ILE C 65 21.25 -9.99 17.98
C ILE C 65 20.85 -9.17 19.21
N LEU C 66 19.94 -9.73 20.02
CA LEU C 66 19.52 -9.08 21.25
C LEU C 66 19.98 -9.87 22.48
N ALA C 67 20.79 -9.23 23.30
CA ALA C 67 21.16 -9.78 24.61
C ALA C 67 20.35 -9.06 25.67
N HIS C 68 19.84 -9.81 26.63
CA HIS C 68 19.01 -9.22 27.69
C HIS C 68 19.13 -9.94 29.02
N THR C 69 19.01 -9.17 30.10
CA THR C 69 19.08 -9.71 31.46
C THR C 69 18.05 -9.04 32.37
N GLU C 70 17.63 -9.77 33.40
CA GLU C 70 16.81 -9.21 34.46
C GLU C 70 17.68 -8.25 35.27
N PHE C 71 17.12 -7.12 35.69
CA PHE C 71 17.85 -6.19 36.55
C PHE C 71 16.93 -5.22 37.29
N THR C 72 17.36 -4.85 38.49
CA THR C 72 16.67 -3.86 39.29
C THR C 72 17.64 -2.70 39.49
N PRO C 73 17.44 -1.60 38.74
CA PRO C 73 18.33 -0.44 38.79
C PRO C 73 18.27 0.31 40.13
N THR C 74 19.40 0.87 40.54
CA THR C 74 19.47 1.76 41.68
C THR C 74 20.24 3.01 41.27
N GLU C 75 20.23 4.03 42.13
CA GLU C 75 20.91 5.30 41.80
C GLU C 75 22.44 5.16 41.75
N THR C 76 22.95 4.09 42.37
CA THR C 76 24.39 3.87 42.48
C THR C 76 24.98 2.95 41.41
N ASP C 77 24.23 1.90 41.05
CA ASP C 77 24.66 0.89 40.09
C ASP C 77 24.76 1.39 38.64
N THR C 78 25.83 1.02 37.96
CA THR C 78 25.95 1.24 36.52
C THR C 78 25.84 -0.09 35.78
N TYR C 79 25.46 -0.03 34.51
CA TYR C 79 25.30 -1.22 33.70
C TYR C 79 25.92 -1.02 32.31
N ALA C 80 26.46 -2.09 31.75
CA ALA C 80 27.17 -1.98 30.47
C ALA C 80 27.08 -3.25 29.62
N CYS C 81 27.39 -3.08 28.34
CA CYS C 81 27.45 -4.18 27.39
C CYS C 81 28.82 -4.22 26.74
N ARG C 82 29.48 -5.38 26.81
CA ARG C 82 30.79 -5.56 26.19
C ARG C 82 30.67 -6.41 24.92
N VAL C 83 31.16 -5.84 23.81
CA VAL C 83 31.06 -6.50 22.50
C VAL C 83 32.44 -6.77 21.92
N LYS C 84 32.69 -8.04 21.59
CA LYS C 84 33.94 -8.47 20.95
C LYS C 84 33.63 -8.97 19.53
N HIS C 85 34.29 -8.38 18.54
CA HIS C 85 34.07 -8.70 17.13
C HIS C 85 35.34 -8.55 16.28
N ASP C 86 35.43 -9.34 15.21
CA ASP C 86 36.58 -9.32 14.30
C ASP C 86 36.92 -7.94 13.71
N SER C 87 35.91 -7.08 13.62
CA SER C 87 36.07 -5.75 13.03
C SER C 87 36.69 -4.71 13.96
N MET C 88 36.65 -4.98 15.27
CA MET C 88 37.16 -4.04 16.26
C MET C 88 38.46 -4.53 16.89
N ALA C 89 39.44 -3.63 16.99
CA ALA C 89 40.73 -3.94 17.61
C ALA C 89 40.57 -4.31 19.08
N GLU C 90 39.81 -3.48 19.79
CA GLU C 90 39.55 -3.67 21.21
C GLU C 90 38.05 -3.86 21.45
N PRO C 91 37.67 -4.55 22.54
CA PRO C 91 36.25 -4.69 22.89
C PRO C 91 35.62 -3.34 23.15
N LYS C 92 34.43 -3.10 22.59
CA LYS C 92 33.72 -1.86 22.83
C LYS C 92 32.72 -2.06 23.97
N THR C 93 32.78 -1.16 24.94
CA THR C 93 31.86 -1.16 26.05
C THR C 93 31.03 0.11 26.00
N VAL C 94 29.70 -0.04 26.01
CA VAL C 94 28.81 1.12 26.08
C VAL C 94 27.90 1.04 27.31
N TYR C 95 27.93 2.10 28.11
CA TYR C 95 27.20 2.16 29.36
C TYR C 95 25.74 2.53 29.15
N TRP C 96 24.90 2.01 30.04
CA TRP C 96 23.48 2.33 30.03
C TRP C 96 23.26 3.76 30.50
N ASP C 97 22.53 4.51 29.69
CA ASP C 97 22.12 5.87 29.98
C ASP C 97 20.60 5.86 30.07
N ARG C 98 20.08 6.19 31.25
CA ARG C 98 18.63 6.22 31.49
C ARG C 98 17.89 7.18 30.56
N ASP C 99 18.59 8.22 30.12
CA ASP C 99 17.99 9.27 29.31
C ASP C 99 18.00 8.95 27.82
N MET C 100 18.61 7.82 27.46
CA MET C 100 18.71 7.41 26.05
C MET C 100 18.25 5.97 25.81
N GLN D 3 -12.77 16.62 -28.16
CA GLN D 3 -13.99 15.76 -28.28
C GLN D 3 -13.66 14.27 -28.14
N LYS D 4 -14.30 13.62 -27.17
CA LYS D 4 -14.09 12.20 -26.92
C LYS D 4 -15.39 11.41 -27.04
N THR D 5 -15.31 10.29 -27.75
CA THR D 5 -16.45 9.39 -28.01
C THR D 5 -16.85 8.64 -26.74
N PRO D 6 -18.16 8.68 -26.39
CA PRO D 6 -18.69 7.95 -25.23
C PRO D 6 -18.55 6.44 -25.35
N GLN D 7 -18.27 5.79 -24.23
CA GLN D 7 -18.32 4.34 -24.14
C GLN D 7 -19.59 3.96 -23.40
N ILE D 8 -20.32 2.99 -23.91
CA ILE D 8 -21.61 2.63 -23.30
C ILE D 8 -21.64 1.18 -22.81
N GLN D 9 -22.29 0.98 -21.67
CA GLN D 9 -22.61 -0.35 -21.16
C GLN D 9 -24.07 -0.38 -20.70
N VAL D 10 -24.84 -1.30 -21.28
CA VAL D 10 -26.22 -1.53 -20.87
C VAL D 10 -26.25 -2.84 -20.11
N TYR D 11 -26.84 -2.81 -18.91
CA TYR D 11 -26.81 -3.97 -18.01
C TYR D 11 -27.81 -3.79 -16.86
N SER D 12 -28.17 -4.91 -16.23
CA SER D 12 -29.10 -4.91 -15.10
C SER D 12 -28.35 -4.90 -13.77
N ARG D 13 -29.00 -4.34 -12.76
CA ARG D 13 -28.44 -4.28 -11.41
C ARG D 13 -28.28 -5.68 -10.81
N HIS D 14 -29.31 -6.50 -10.98
CA HIS D 14 -29.31 -7.88 -10.52
C HIS D 14 -29.33 -8.84 -11.71
N PRO D 15 -28.93 -10.11 -11.52
CA PRO D 15 -29.05 -11.09 -12.61
C PRO D 15 -30.52 -11.22 -13.00
N PRO D 16 -30.82 -11.15 -14.31
CA PRO D 16 -32.20 -11.01 -14.74
C PRO D 16 -33.00 -12.30 -14.77
N GLU D 17 -34.24 -12.22 -14.30
CA GLU D 17 -35.18 -13.33 -14.38
C GLU D 17 -36.51 -12.79 -14.92
N ASN D 18 -37.01 -13.43 -15.98
CA ASN D 18 -38.26 -13.03 -16.61
C ASN D 18 -39.40 -12.92 -15.60
N GLY D 19 -40.08 -11.78 -15.61
CA GLY D 19 -41.19 -11.53 -14.68
C GLY D 19 -40.80 -10.82 -13.39
N LYS D 20 -39.51 -10.83 -13.07
CA LYS D 20 -39.01 -10.19 -11.85
C LYS D 20 -38.60 -8.74 -12.10
N PRO D 21 -39.14 -7.80 -11.30
CA PRO D 21 -38.71 -6.40 -11.32
C PRO D 21 -37.22 -6.27 -11.06
N ASN D 22 -36.58 -5.33 -11.76
CA ASN D 22 -35.14 -5.15 -11.74
C ASN D 22 -34.81 -3.69 -12.03
N ILE D 23 -33.53 -3.36 -12.10
CA ILE D 23 -33.08 -2.05 -12.51
C ILE D 23 -32.15 -2.19 -13.72
N LEU D 24 -32.44 -1.44 -14.78
CA LEU D 24 -31.60 -1.43 -15.99
C LEU D 24 -30.75 -0.18 -16.01
N ASN D 25 -29.44 -0.37 -16.16
CA ASN D 25 -28.49 0.74 -16.14
C ASN D 25 -27.91 1.02 -17.52
N CYS D 26 -27.68 2.31 -17.79
CA CYS D 26 -26.91 2.75 -18.93
C CYS D 26 -25.75 3.59 -18.42
N TYR D 27 -24.55 3.03 -18.49
CA TYR D 27 -23.35 3.65 -17.94
C TYR D 27 -22.51 4.25 -19.06
N VAL D 28 -22.56 5.57 -19.18
CA VAL D 28 -21.87 6.29 -20.25
C VAL D 28 -20.59 6.90 -19.71
N THR D 29 -19.49 6.69 -20.44
CA THR D 29 -18.14 6.87 -19.91
C THR D 29 -17.20 7.43 -20.98
N GLN D 30 -16.10 8.06 -20.55
CA GLN D 30 -15.01 8.49 -21.43
C GLN D 30 -15.35 9.57 -22.46
N PHE D 31 -16.32 10.41 -22.16
CA PHE D 31 -16.76 11.44 -23.11
C PHE D 31 -16.37 12.88 -22.72
N HIS D 32 -16.26 13.73 -23.74
CA HIS D 32 -15.98 15.15 -23.61
C HIS D 32 -16.39 15.82 -24.93
N PRO D 33 -17.03 17.00 -24.87
CA PRO D 33 -17.42 17.86 -23.74
C PRO D 33 -18.50 17.24 -22.85
N PRO D 34 -18.74 17.85 -21.66
CA PRO D 34 -19.73 17.32 -20.71
C PRO D 34 -21.17 17.20 -21.21
N HIS D 35 -21.62 18.09 -22.09
CA HIS D 35 -23.01 18.03 -22.57
C HIS D 35 -23.31 16.75 -23.36
N ILE D 36 -24.35 16.04 -22.93
CA ILE D 36 -24.72 14.76 -23.54
C ILE D 36 -26.23 14.53 -23.40
N GLU D 37 -26.80 13.74 -24.29
CA GLU D 37 -28.22 13.40 -24.22
C GLU D 37 -28.43 11.90 -24.25
N ILE D 38 -29.15 11.41 -23.24
CA ILE D 38 -29.35 9.97 -23.06
C ILE D 38 -30.84 9.62 -22.95
N GLN D 39 -31.26 8.65 -23.76
CA GLN D 39 -32.60 8.09 -23.70
C GLN D 39 -32.51 6.60 -23.47
N MET D 40 -33.56 6.03 -22.88
CA MET D 40 -33.67 4.58 -22.72
C MET D 40 -34.98 4.08 -23.32
N LEU D 41 -34.88 3.05 -24.17
CA LEU D 41 -36.01 2.59 -24.96
C LEU D 41 -36.47 1.18 -24.60
N LYS D 42 -37.79 1.01 -24.49
CA LYS D 42 -38.42 -0.29 -24.40
C LYS D 42 -39.12 -0.57 -25.72
N ASN D 43 -38.70 -1.65 -26.39
CA ASN D 43 -39.29 -2.08 -27.67
C ASN D 43 -39.16 -1.03 -28.77
N GLY D 44 -38.28 -0.05 -28.58
CA GLY D 44 -38.07 1.03 -29.54
C GLY D 44 -38.72 2.34 -29.14
N LYS D 45 -39.51 2.33 -28.07
CA LYS D 45 -40.15 3.54 -27.58
C LYS D 45 -39.53 4.04 -26.27
N LYS D 46 -39.33 5.35 -26.21
CA LYS D 46 -38.75 6.05 -25.05
C LYS D 46 -39.47 5.72 -23.74
N ILE D 47 -38.70 5.34 -22.73
CA ILE D 47 -39.22 5.16 -21.37
C ILE D 47 -39.31 6.55 -20.73
N PRO D 48 -40.50 6.93 -20.21
CA PRO D 48 -40.75 8.28 -19.72
C PRO D 48 -39.90 8.73 -18.51
N LYS D 49 -39.94 7.98 -17.41
CA LYS D 49 -39.29 8.41 -16.16
C LYS D 49 -37.87 7.84 -15.98
N VAL D 50 -36.91 8.45 -16.69
CA VAL D 50 -35.53 7.98 -16.65
C VAL D 50 -34.68 8.81 -15.69
N GLU D 51 -34.21 8.13 -14.64
CA GLU D 51 -33.39 8.74 -13.60
C GLU D 51 -31.95 8.95 -14.10
N MET D 52 -31.53 10.21 -14.07
CA MET D 52 -30.14 10.57 -14.39
C MET D 52 -29.38 10.84 -13.11
N SER D 53 -28.18 10.29 -13.01
CA SER D 53 -27.27 10.64 -11.94
C SER D 53 -26.66 12.00 -12.27
N ASP D 54 -26.02 12.61 -11.29
CA ASP D 54 -25.36 13.90 -11.49
C ASP D 54 -24.02 13.72 -12.20
N MET D 55 -23.57 14.74 -12.90
CA MET D 55 -22.32 14.69 -13.67
C MET D 55 -21.09 14.51 -12.77
N SER D 56 -20.18 13.65 -13.22
CA SER D 56 -18.91 13.42 -12.56
C SER D 56 -17.84 13.23 -13.62
N PHE D 57 -16.58 13.16 -13.19
CA PHE D 57 -15.48 12.81 -14.09
C PHE D 57 -14.37 12.00 -13.41
N SER D 58 -13.61 11.26 -14.21
CA SER D 58 -12.56 10.38 -13.72
C SER D 58 -11.20 11.07 -13.73
N LYS D 59 -10.19 10.42 -13.15
CA LYS D 59 -8.84 11.00 -13.03
C LYS D 59 -8.17 11.30 -14.37
N ASP D 60 -8.75 10.80 -15.46
CA ASP D 60 -8.25 11.09 -16.81
C ASP D 60 -8.97 12.27 -17.47
N TRP D 61 -9.78 12.97 -16.67
CA TRP D 61 -10.54 14.18 -17.06
C TRP D 61 -11.89 13.92 -17.74
N SER D 62 -12.07 12.73 -18.32
CA SER D 62 -13.28 12.38 -19.04
C SER D 62 -14.49 12.24 -18.12
N PHE D 63 -15.66 12.61 -18.62
CA PHE D 63 -16.89 12.60 -17.83
C PHE D 63 -17.60 11.25 -17.87
N TYR D 64 -18.47 11.01 -16.87
CA TYR D 64 -19.28 9.80 -16.82
C TYR D 64 -20.62 10.03 -16.12
N ILE D 65 -21.62 9.23 -16.49
CA ILE D 65 -22.98 9.38 -15.99
C ILE D 65 -23.74 8.05 -16.03
N LEU D 66 -24.61 7.84 -15.05
CA LEU D 66 -25.43 6.64 -14.97
C LEU D 66 -26.91 6.98 -15.18
N ALA D 67 -27.49 6.43 -16.23
CA ALA D 67 -28.94 6.49 -16.44
C ALA D 67 -29.54 5.16 -16.02
N HIS D 68 -30.67 5.20 -15.31
CA HIS D 68 -31.31 3.98 -14.84
C HIS D 68 -32.83 4.08 -14.78
N THR D 69 -33.49 2.95 -15.03
CA THR D 69 -34.95 2.86 -14.99
C THR D 69 -35.42 1.56 -14.36
N GLU D 70 -36.61 1.59 -13.76
CA GLU D 70 -37.31 0.40 -13.30
C GLU D 70 -37.68 -0.42 -14.55
N PHE D 71 -37.54 -1.74 -14.48
CA PHE D 71 -38.00 -2.60 -15.58
C PHE D 71 -38.23 -4.05 -15.14
N THR D 72 -39.24 -4.66 -15.76
CA THR D 72 -39.53 -6.07 -15.58
C THR D 72 -39.32 -6.75 -16.95
N PRO D 73 -38.17 -7.43 -17.12
CA PRO D 73 -37.85 -8.08 -18.40
C PRO D 73 -38.76 -9.28 -18.72
N THR D 74 -39.01 -9.48 -20.00
CA THR D 74 -39.73 -10.65 -20.49
C THR D 74 -38.95 -11.25 -21.65
N GLU D 75 -39.34 -12.46 -22.08
CA GLU D 75 -38.68 -13.14 -23.20
C GLU D 75 -38.82 -12.40 -24.53
N THR D 76 -39.85 -11.55 -24.63
CA THR D 76 -40.17 -10.87 -25.90
C THR D 76 -39.60 -9.45 -26.00
N ASP D 77 -39.60 -8.73 -24.88
CA ASP D 77 -39.21 -7.32 -24.85
C ASP D 77 -37.71 -7.10 -24.99
N THR D 78 -37.34 -6.10 -25.79
CA THR D 78 -35.95 -5.65 -25.91
C THR D 78 -35.79 -4.30 -25.22
N TYR D 79 -34.56 -3.98 -24.82
CA TYR D 79 -34.26 -2.72 -24.16
C TYR D 79 -32.99 -2.10 -24.71
N ALA D 80 -32.96 -0.76 -24.76
CA ALA D 80 -31.83 -0.05 -25.38
C ALA D 80 -31.55 1.30 -24.74
N CYS D 81 -30.34 1.80 -25.02
CA CYS D 81 -29.91 3.13 -24.58
C CYS D 81 -29.48 3.93 -25.79
N ARG D 82 -30.07 5.11 -25.96
CA ARG D 82 -29.69 6.00 -27.05
C ARG D 82 -28.88 7.18 -26.53
N VAL D 83 -27.69 7.36 -27.10
CA VAL D 83 -26.76 8.40 -26.66
C VAL D 83 -26.45 9.39 -27.79
N LYS D 84 -26.69 10.67 -27.51
CA LYS D 84 -26.38 11.74 -28.44
C LYS D 84 -25.26 12.64 -27.88
N HIS D 85 -24.20 12.79 -28.66
CA HIS D 85 -23.02 13.52 -28.23
C HIS D 85 -22.32 14.23 -29.41
N ASP D 86 -21.66 15.35 -29.11
CA ASP D 86 -20.95 16.14 -30.13
C ASP D 86 -19.89 15.37 -30.93
N SER D 87 -19.37 14.29 -30.35
CA SER D 87 -18.31 13.50 -30.99
C SER D 87 -18.82 12.50 -32.03
N MET D 88 -20.12 12.20 -31.98
CA MET D 88 -20.72 11.20 -32.85
C MET D 88 -21.62 11.85 -33.91
N ALA D 89 -21.43 11.43 -35.17
CA ALA D 89 -22.26 11.90 -36.28
C ALA D 89 -23.73 11.56 -36.08
N GLU D 90 -23.99 10.29 -35.75
CA GLU D 90 -25.35 9.80 -35.51
C GLU D 90 -25.47 9.26 -34.07
N PRO D 91 -26.69 9.29 -33.50
CA PRO D 91 -26.93 8.70 -32.18
C PRO D 91 -26.55 7.22 -32.15
N LYS D 92 -25.83 6.80 -31.12
CA LYS D 92 -25.49 5.39 -30.96
C LYS D 92 -26.49 4.73 -30.03
N THR D 93 -27.03 3.60 -30.49
CA THR D 93 -27.94 2.81 -29.70
C THR D 93 -27.32 1.45 -29.44
N VAL D 94 -27.25 1.06 -28.18
CA VAL D 94 -26.75 -0.26 -27.80
C VAL D 94 -27.81 -1.02 -27.00
N TYR D 95 -28.13 -2.22 -27.48
CA TYR D 95 -29.19 -3.03 -26.91
C TYR D 95 -28.70 -3.85 -25.72
N TRP D 96 -29.62 -4.08 -24.79
CA TRP D 96 -29.34 -4.90 -23.61
C TRP D 96 -29.18 -6.35 -24.01
N ASP D 97 -28.06 -6.93 -23.58
CA ASP D 97 -27.77 -8.35 -23.74
C ASP D 97 -27.66 -8.97 -22.35
N ARG D 98 -28.57 -9.91 -22.07
CA ARG D 98 -28.61 -10.62 -20.78
C ARG D 98 -27.29 -11.26 -20.41
N ASP D 99 -26.54 -11.68 -21.43
CA ASP D 99 -25.31 -12.43 -21.25
C ASP D 99 -24.09 -11.55 -21.04
N MET D 100 -24.29 -10.23 -21.11
CA MET D 100 -23.20 -9.27 -20.96
C MET D 100 -23.49 -8.17 -19.95
N ABA E 1 5.99 -21.75 4.19
CA ABA E 1 6.46 -22.88 3.35
C ABA E 1 7.75 -22.50 2.65
O ABA E 1 7.75 -21.65 1.76
CB ABA E 1 5.37 -23.27 2.33
CG ABA E 1 5.62 -24.63 1.70
N SER E 2 8.84 -23.15 3.05
CA SER E 2 10.19 -22.81 2.59
C SER E 2 10.45 -23.19 1.12
N LEU E 3 11.48 -22.57 0.54
CA LEU E 3 11.86 -22.80 -0.85
C LEU E 3 12.92 -23.89 -0.99
N SER E 4 12.83 -24.65 -2.08
CA SER E 4 13.85 -25.63 -2.45
C SER E 4 14.56 -25.14 -3.71
N ASN E 5 15.83 -24.79 -3.56
CA ASN E 5 16.60 -24.25 -4.68
C ASN E 5 16.86 -25.31 -5.73
N GLY E 6 17.04 -24.88 -6.98
CA GLY E 6 17.33 -25.81 -8.07
C GLY E 6 18.82 -25.97 -8.29
N PRO E 7 19.31 -25.50 -9.45
CA PRO E 7 20.74 -25.53 -9.78
C PRO E 7 21.57 -24.73 -8.77
N HIS E 8 22.77 -25.23 -8.49
CA HIS E 8 23.67 -24.59 -7.54
C HIS E 8 24.32 -23.34 -8.13
N LEU E 9 25.00 -22.58 -7.28
CA LEU E 9 25.74 -21.38 -7.71
C LEU E 9 26.87 -21.74 -8.67
N ABA F 1 -13.37 18.74 3.41
CA ABA F 1 -13.04 20.19 3.50
C ABA F 1 -12.38 20.66 2.20
O ABA F 1 -11.23 20.28 1.91
CB ABA F 1 -12.14 20.46 4.72
CG ABA F 1 -12.01 21.94 5.04
N SER F 2 -13.11 21.47 1.45
CA SER F 2 -12.69 21.89 0.11
C SER F 2 -11.53 22.89 0.11
N LEU F 3 -10.87 23.01 -1.03
CA LEU F 3 -9.72 23.90 -1.20
C LEU F 3 -10.14 25.27 -1.72
N SER F 4 -9.40 26.31 -1.31
CA SER F 4 -9.56 27.65 -1.85
C SER F 4 -8.30 28.03 -2.61
N ASN F 5 -8.42 28.17 -3.92
CA ASN F 5 -7.26 28.48 -4.76
C ASN F 5 -6.76 29.89 -4.50
N GLY F 6 -5.48 30.11 -4.76
CA GLY F 6 -4.88 31.42 -4.58
C GLY F 6 -4.89 32.21 -5.88
N PRO F 7 -3.69 32.48 -6.44
CA PRO F 7 -3.53 33.16 -7.74
C PRO F 7 -4.26 32.44 -8.87
N HIS F 8 -4.85 33.21 -9.78
CA HIS F 8 -5.57 32.67 -10.92
C HIS F 8 -4.62 32.13 -11.99
N LEU F 9 -5.17 31.41 -12.96
CA LEU F 9 -4.38 30.87 -14.06
C LEU F 9 -3.74 31.97 -14.91
S SO4 G . 24.71 -27.97 -10.73
O1 SO4 G . 24.92 -27.75 -12.15
O2 SO4 G . 25.71 -27.22 -9.97
O3 SO4 G . 24.87 -29.39 -10.43
O4 SO4 G . 23.36 -27.53 -10.38
#